data_1D4D
#
_entry.id   1D4D
#
_cell.length_a   72.863
_cell.length_b   72.863
_cell.length_c   216.469
_cell.angle_alpha   90.00
_cell.angle_beta   90.00
_cell.angle_gamma   90.00
#
_symmetry.space_group_name_H-M   'P 43 21 2'
#
loop_
_entity.id
_entity.type
_entity.pdbx_description
1 polymer 'FLAVOCYTOCHROME C FUMARATE REDUCTASE'
2 non-polymer 'HEME C'
3 non-polymer 'FLAVIN-ADENINE DINUCLEOTIDE'
4 non-polymer 'SUCCINIC ACID'
5 water water
#
_entity_poly.entity_id   1
_entity_poly.type   'polypeptide(L)'
_entity_poly.pdbx_seq_one_letter_code
;AAPEVLADFHGEMGGCDSCHVSDKGGVTNDNLTHENGQCVSCHGDLKELAAAAPKDKVSPHKSHLIGEIACTSCHKGHEK
SVAYCDACHSFGFDMPFGGKWERKFVPVDADKAAQDKAIAAGVKETTDVVIIGSGGAGLAAAVSARDAGAKVILLEKEPI
PGGNTKLAAGGMNAAETKPQAKLGIEDKKQIMIDDTMKGGRNINDPELVKVLANNSSDSIDWLTSMGADMTDVGRMGGAS
VNRSHRPTGGAGVGAHVAQVLWDNAVKRGTDIRLNSRVVRILEDASGKVTGVLVKGEYTGYYVIKADAVVIAAGGFAKNN
ERVSKYDPKLKGFKATNHPGATGDGLDVALQAGAATRDLQYIQAHPTYSPAGGVMITEAVRGNGAIVVNREGNRFMNEIT
TRDKASAAILQQKGESAYLVFDDSIRKSLKAIEGYVHLNIVKEGKTIEELAKQIDVPAAELAKTVTAYNGFVKSGKDAQF
ERPDLPRELVVAPFYALEIAPAVHHTMGGLVIDTKAEVKSEKTAKPITGLYAAGEVTGGVHGANRLGGNAISDIVTYGRI
AGASAAKFAKDN
;
_entity_poly.pdbx_strand_id   A
#
loop_
_chem_comp.id
_chem_comp.type
_chem_comp.name
_chem_comp.formula
FAD non-polymer 'FLAVIN-ADENINE DINUCLEOTIDE' 'C27 H33 N9 O15 P2'
HEC non-polymer 'HEME C' 'C34 H34 Fe N4 O4'
SIN non-polymer 'SUCCINIC ACID' 'C4 H6 O4'
#
# COMPACT_ATOMS: atom_id res chain seq x y z
N VAL A 5 17.08 -21.93 -17.88
CA VAL A 5 16.10 -21.63 -16.80
C VAL A 5 15.80 -22.73 -15.80
N LEU A 6 15.60 -22.42 -14.53
CA LEU A 6 15.36 -23.41 -13.49
C LEU A 6 14.76 -24.75 -13.88
N ALA A 7 13.64 -24.94 -14.57
CA ALA A 7 13.13 -26.28 -14.80
C ALA A 7 13.95 -27.16 -15.73
N ASP A 8 14.79 -26.55 -16.56
CA ASP A 8 15.70 -27.30 -17.43
C ASP A 8 16.85 -27.77 -16.54
N PHE A 9 17.43 -26.87 -15.74
CA PHE A 9 18.47 -27.30 -14.80
C PHE A 9 17.95 -28.46 -13.95
N HIS A 10 16.67 -28.61 -13.66
CA HIS A 10 16.05 -29.68 -12.93
C HIS A 10 15.44 -30.79 -13.78
N GLY A 11 15.56 -30.69 -15.09
CA GLY A 11 14.98 -31.69 -16.01
C GLY A 11 16.13 -32.67 -16.25
N GLU A 12 17.29 -32.01 -16.20
CA GLU A 12 18.60 -32.66 -16.25
C GLU A 12 18.54 -33.69 -15.12
N MET A 13 18.03 -33.38 -13.93
CA MET A 13 17.90 -34.39 -12.89
C MET A 13 16.82 -35.43 -13.20
N GLY A 14 15.79 -35.53 -12.37
CA GLY A 14 14.75 -36.48 -12.44
C GLY A 14 13.46 -36.37 -13.23
N GLY A 15 13.15 -35.35 -14.02
CA GLY A 15 11.89 -35.34 -14.75
C GLY A 15 10.96 -34.15 -14.61
N CYS A 16 9.65 -34.38 -14.73
CA CYS A 16 8.60 -33.38 -14.64
C CYS A 16 7.99 -33.43 -13.23
N ASP A 17 8.07 -34.65 -12.77
CA ASP A 17 7.75 -35.24 -11.51
C ASP A 17 8.35 -34.58 -10.28
N SER A 18 9.57 -34.07 -10.46
CA SER A 18 10.34 -33.39 -9.42
C SER A 18 9.48 -32.36 -8.70
N CYS A 19 8.82 -31.53 -9.50
CA CYS A 19 7.97 -30.44 -9.09
C CYS A 19 6.47 -30.66 -9.30
N HIS A 20 6.12 -30.93 -10.56
CA HIS A 20 4.72 -31.12 -10.88
C HIS A 20 4.17 -32.37 -10.20
N VAL A 21 2.86 -32.41 -10.05
CA VAL A 21 2.24 -33.57 -9.41
C VAL A 21 2.22 -34.74 -10.38
N SER A 22 2.17 -34.50 -11.68
CA SER A 22 2.14 -35.60 -12.64
C SER A 22 3.34 -35.54 -13.58
N ASP A 23 3.62 -36.68 -14.23
CA ASP A 23 4.81 -36.79 -15.07
C ASP A 23 4.64 -36.09 -16.42
N LYS A 24 3.41 -35.83 -16.82
CA LYS A 24 3.15 -35.09 -18.05
C LYS A 24 3.52 -33.62 -17.81
N GLY A 25 3.38 -33.15 -16.57
CA GLY A 25 3.69 -31.77 -16.22
C GLY A 25 2.43 -31.06 -15.71
N GLY A 26 2.38 -29.75 -15.86
CA GLY A 26 1.25 -28.97 -15.45
C GLY A 26 1.01 -28.73 -13.97
N VAL A 27 0.50 -27.53 -13.67
CA VAL A 27 0.20 -27.08 -12.32
C VAL A 27 -1.19 -27.53 -11.90
N THR A 28 -1.40 -27.78 -10.63
CA THR A 28 -2.72 -28.19 -10.15
C THR A 28 -3.54 -26.89 -9.95
N ASN A 29 -3.03 -26.07 -9.04
CA ASN A 29 -3.71 -24.82 -8.72
C ASN A 29 -2.77 -23.62 -8.81
N ASP A 30 -3.32 -22.41 -8.72
CA ASP A 30 -2.57 -21.19 -8.97
C ASP A 30 -1.66 -20.71 -7.86
N ASN A 31 -1.92 -21.19 -6.64
CA ASN A 31 -1.08 -20.89 -5.50
C ASN A 31 0.24 -21.67 -5.60
N LEU A 32 0.20 -22.68 -6.48
CA LEU A 32 1.29 -23.57 -6.76
C LEU A 32 1.81 -24.34 -5.56
N THR A 33 0.94 -24.73 -4.66
CA THR A 33 1.32 -25.36 -3.40
C THR A 33 2.10 -26.64 -3.47
N HIS A 34 1.87 -27.54 -4.40
CA HIS A 34 2.57 -28.77 -4.60
C HIS A 34 4.05 -28.52 -4.88
N GLU A 35 4.27 -27.78 -5.95
CA GLU A 35 5.57 -27.42 -6.48
C GLU A 35 6.44 -26.76 -5.43
N ASN A 36 5.87 -25.79 -4.72
CA ASN A 36 6.59 -25.07 -3.66
C ASN A 36 6.86 -26.04 -2.52
N GLY A 37 5.88 -26.96 -2.38
CA GLY A 37 6.08 -28.05 -1.42
C GLY A 37 7.30 -28.83 -1.90
N GLN A 38 7.48 -29.09 -3.19
CA GLN A 38 8.67 -29.80 -3.64
C GLN A 38 9.93 -28.95 -3.45
N CYS A 39 9.86 -27.63 -3.65
CA CYS A 39 11.05 -26.81 -3.50
C CYS A 39 11.74 -27.01 -2.14
N VAL A 40 10.93 -26.83 -1.12
CA VAL A 40 11.24 -26.78 0.29
C VAL A 40 11.76 -28.14 0.80
N SER A 41 11.13 -29.18 0.29
CA SER A 41 11.49 -30.55 0.62
C SER A 41 12.92 -30.87 0.19
N CYS A 42 13.48 -30.27 -0.87
CA CYS A 42 14.89 -30.53 -1.14
C CYS A 42 15.74 -29.32 -0.79
N HIS A 43 15.12 -28.14 -0.64
CA HIS A 43 16.02 -27.00 -0.41
C HIS A 43 15.81 -26.39 0.96
N GLY A 44 14.75 -26.74 1.68
CA GLY A 44 14.49 -26.01 2.91
C GLY A 44 13.52 -24.87 2.57
N ASP A 45 13.00 -24.29 3.64
CA ASP A 45 12.05 -23.19 3.56
C ASP A 45 12.77 -21.85 3.69
N LEU A 46 12.01 -20.76 3.72
CA LEU A 46 12.60 -19.45 3.85
C LEU A 46 13.35 -19.19 5.16
N LYS A 47 12.83 -19.61 6.32
CA LYS A 47 13.57 -19.41 7.56
C LYS A 47 14.94 -20.05 7.36
N GLU A 48 14.90 -21.32 6.96
CA GLU A 48 16.12 -22.08 6.74
C GLU A 48 17.05 -21.33 5.80
N LEU A 49 16.65 -21.03 4.59
CA LEU A 49 17.51 -20.26 3.71
C LEU A 49 17.84 -18.90 4.31
N ALA A 50 16.97 -18.22 5.05
CA ALA A 50 17.28 -16.92 5.65
C ALA A 50 18.43 -16.96 6.66
N ALA A 51 18.37 -17.97 7.52
CA ALA A 51 19.37 -18.24 8.54
C ALA A 51 20.73 -18.48 7.91
N ALA A 52 20.73 -19.22 6.80
CA ALA A 52 21.98 -19.46 6.07
C ALA A 52 22.63 -18.19 5.55
N ALA A 53 22.04 -17.03 5.34
CA ALA A 53 22.76 -15.89 4.80
C ALA A 53 23.61 -15.08 5.78
N PRO A 54 24.67 -14.45 5.25
CA PRO A 54 25.57 -13.58 5.99
C PRO A 54 24.94 -12.55 6.89
N VAL A 58 21.44 -8.06 3.68
CA VAL A 58 20.33 -7.96 2.72
C VAL A 58 20.21 -9.29 1.97
N SER A 59 19.26 -10.13 2.42
CA SER A 59 19.13 -11.40 1.70
C SER A 59 17.75 -11.43 1.08
N PRO A 60 17.66 -12.00 -0.11
CA PRO A 60 16.39 -12.15 -0.79
C PRO A 60 15.48 -13.15 -0.12
N HIS A 61 15.93 -13.98 0.82
CA HIS A 61 15.07 -14.97 1.42
C HIS A 61 14.56 -14.52 2.77
N LYS A 62 14.85 -13.27 3.12
CA LYS A 62 14.35 -12.72 4.39
C LYS A 62 14.16 -11.21 4.14
N SER A 63 12.94 -10.74 4.23
CA SER A 63 12.54 -9.38 4.02
C SER A 63 11.23 -8.96 4.70
N HIS A 64 10.90 -7.68 4.56
CA HIS A 64 9.65 -7.13 5.07
C HIS A 64 8.37 -7.68 4.39
N LEU A 65 8.43 -8.34 3.25
CA LEU A 65 7.22 -8.85 2.59
C LEU A 65 6.38 -9.66 3.55
N ILE A 66 5.05 -9.58 3.46
CA ILE A 66 4.18 -10.32 4.40
C ILE A 66 3.50 -11.54 3.78
N GLY A 67 2.93 -12.37 4.66
CA GLY A 67 2.22 -13.55 4.26
C GLY A 67 3.08 -14.64 3.61
N GLU A 68 2.43 -15.58 2.92
CA GLU A 68 3.22 -16.67 2.33
C GLU A 68 4.02 -16.13 1.12
N ILE A 69 5.35 -16.32 1.14
CA ILE A 69 6.05 -15.88 -0.08
C ILE A 69 6.62 -17.10 -0.79
N ALA A 70 5.83 -17.56 -1.76
CA ALA A 70 6.24 -18.73 -2.51
C ALA A 70 7.64 -18.58 -3.08
N CYS A 71 8.32 -19.73 -3.19
CA CYS A 71 9.62 -19.84 -3.84
C CYS A 71 9.53 -19.43 -5.32
N THR A 72 8.41 -19.85 -5.92
CA THR A 72 8.11 -19.66 -7.31
C THR A 72 7.68 -18.25 -7.67
N SER A 73 7.51 -17.34 -6.73
CA SER A 73 7.24 -15.95 -7.03
C SER A 73 8.49 -15.26 -7.62
N CYS A 74 9.66 -15.83 -7.43
CA CYS A 74 10.93 -15.41 -7.97
C CYS A 74 11.58 -16.53 -8.79
N HIS A 75 11.63 -17.74 -8.23
CA HIS A 75 12.27 -18.86 -8.90
C HIS A 75 11.24 -19.46 -9.85
N LYS A 76 11.29 -18.93 -11.07
CA LYS A 76 10.35 -19.34 -12.11
C LYS A 76 10.77 -20.64 -12.77
N GLY A 77 9.81 -21.53 -12.96
CA GLY A 77 10.09 -22.79 -13.60
C GLY A 77 10.51 -22.64 -15.06
N HIS A 78 9.50 -22.37 -15.89
CA HIS A 78 9.68 -22.32 -17.33
C HIS A 78 10.09 -20.99 -17.90
N GLU A 79 10.61 -20.11 -17.05
CA GLU A 79 11.08 -18.85 -17.65
C GLU A 79 12.15 -18.32 -16.74
N LYS A 80 12.80 -17.27 -17.23
CA LYS A 80 13.87 -16.69 -16.44
C LYS A 80 13.25 -16.34 -15.09
N SER A 81 14.14 -16.18 -14.13
CA SER A 81 13.69 -15.89 -12.78
C SER A 81 14.11 -14.51 -12.34
N VAL A 82 13.34 -13.85 -11.49
CA VAL A 82 13.68 -12.52 -11.04
C VAL A 82 13.33 -12.36 -9.56
N ALA A 83 14.24 -11.76 -8.81
CA ALA A 83 13.83 -11.44 -7.45
C ALA A 83 12.63 -10.49 -7.59
N TYR A 84 11.60 -10.77 -6.80
CA TYR A 84 10.43 -9.90 -6.72
C TYR A 84 10.84 -8.58 -6.08
N CYS A 85 11.92 -8.56 -5.30
CA CYS A 85 12.51 -7.38 -4.72
C CYS A 85 12.87 -6.31 -5.75
N ASP A 86 13.17 -6.75 -6.96
CA ASP A 86 13.46 -5.84 -8.02
C ASP A 86 12.22 -5.10 -8.53
N ALA A 87 10.97 -5.35 -8.15
CA ALA A 87 9.90 -4.46 -8.60
C ALA A 87 10.25 -3.05 -8.07
N CYS A 88 10.74 -2.96 -6.84
CA CYS A 88 11.12 -1.73 -6.20
C CYS A 88 12.56 -1.45 -5.85
N HIS A 89 13.44 -2.40 -5.61
CA HIS A 89 14.81 -2.02 -5.25
C HIS A 89 15.70 -2.41 -6.42
N SER A 90 16.98 -2.08 -6.29
CA SER A 90 17.95 -2.51 -7.31
C SER A 90 19.19 -2.99 -6.53
N PHE A 91 18.97 -4.19 -6.01
CA PHE A 91 19.89 -4.88 -5.13
C PHE A 91 20.98 -5.64 -5.87
N GLY A 92 20.76 -5.75 -7.19
CA GLY A 92 21.73 -6.45 -8.03
C GLY A 92 22.03 -7.80 -7.36
N PHE A 93 21.00 -8.60 -7.17
CA PHE A 93 21.17 -9.91 -6.54
C PHE A 93 21.77 -10.73 -7.65
N ASP A 94 22.39 -11.88 -7.48
CA ASP A 94 22.81 -12.61 -8.69
C ASP A 94 21.91 -13.84 -8.72
N MET A 95 20.71 -13.65 -9.26
CA MET A 95 19.71 -14.72 -9.32
C MET A 95 20.05 -15.79 -10.34
N PRO A 96 20.15 -17.03 -9.88
CA PRO A 96 20.43 -18.14 -10.78
C PRO A 96 19.34 -18.10 -11.83
N PHE A 97 19.66 -18.22 -13.10
CA PHE A 97 18.71 -18.16 -14.20
C PHE A 97 18.05 -16.77 -14.33
N GLY A 98 18.75 -15.73 -13.95
CA GLY A 98 18.37 -14.36 -13.96
C GLY A 98 17.66 -13.79 -15.19
N GLY A 99 17.05 -12.62 -14.96
CA GLY A 99 16.31 -11.91 -15.99
C GLY A 99 16.04 -10.50 -15.48
N LYS A 100 15.47 -9.68 -16.35
CA LYS A 100 15.19 -8.28 -15.93
C LYS A 100 13.74 -8.27 -15.46
N TRP A 101 13.47 -7.47 -14.44
CA TRP A 101 12.09 -7.30 -14.01
C TRP A 101 11.40 -6.53 -15.16
N GLU A 102 10.25 -6.96 -15.62
CA GLU A 102 9.48 -6.24 -16.63
C GLU A 102 7.99 -6.54 -16.50
N ARG A 103 7.12 -5.54 -16.42
CA ARG A 103 5.69 -5.80 -16.34
C ARG A 103 5.03 -5.01 -17.47
N LYS A 104 4.17 -5.64 -18.27
CA LYS A 104 3.50 -4.92 -19.35
C LYS A 104 2.00 -4.90 -19.04
N PHE A 105 1.44 -3.73 -18.75
CA PHE A 105 0.02 -3.70 -18.38
C PHE A 105 -0.90 -4.23 -19.48
N VAL A 106 -1.68 -5.26 -19.17
CA VAL A 106 -2.58 -5.83 -20.17
C VAL A 106 -4.03 -5.63 -19.74
N PRO A 107 -4.78 -5.06 -20.69
CA PRO A 107 -6.18 -4.73 -20.54
C PRO A 107 -6.99 -5.92 -20.04
N VAL A 108 -7.81 -5.52 -19.09
CA VAL A 108 -8.74 -6.26 -18.30
C VAL A 108 -9.90 -6.85 -19.08
N ASP A 109 -10.11 -6.30 -20.27
CA ASP A 109 -11.12 -6.61 -21.23
C ASP A 109 -10.64 -7.28 -22.51
N ALA A 110 -9.34 -7.30 -22.78
CA ALA A 110 -8.80 -7.91 -23.99
C ALA A 110 -8.96 -9.43 -23.94
N ASP A 111 -8.99 -10.16 -25.04
CA ASP A 111 -9.20 -11.62 -24.94
C ASP A 111 -10.63 -11.90 -24.46
N LYS A 112 -11.54 -11.10 -25.04
CA LYS A 112 -12.95 -11.10 -24.70
C LYS A 112 -13.60 -12.36 -25.27
N ALA A 113 -13.26 -12.69 -26.51
CA ALA A 113 -13.79 -13.93 -27.09
C ALA A 113 -13.50 -15.07 -26.10
N ALA A 114 -12.21 -15.27 -25.82
CA ALA A 114 -11.76 -16.24 -24.83
C ALA A 114 -12.55 -16.17 -23.52
N GLN A 115 -12.68 -14.99 -22.92
CA GLN A 115 -13.48 -14.86 -21.71
C GLN A 115 -14.93 -15.32 -21.91
N ASP A 116 -15.54 -15.01 -23.05
CA ASP A 116 -16.89 -15.47 -23.34
C ASP A 116 -16.92 -16.97 -23.59
N LYS A 117 -16.01 -17.43 -24.46
CA LYS A 117 -15.88 -18.88 -24.67
C LYS A 117 -15.83 -19.46 -23.26
N ALA A 118 -14.93 -19.06 -22.37
CA ALA A 118 -14.84 -19.55 -21.02
C ALA A 118 -15.97 -19.26 -20.05
N ILE A 119 -16.89 -18.32 -20.19
CA ILE A 119 -17.95 -18.16 -19.19
C ILE A 119 -18.99 -19.26 -19.30
N ALA A 120 -19.33 -19.69 -20.51
CA ALA A 120 -20.39 -20.69 -20.66
C ALA A 120 -19.92 -22.10 -20.36
N ALA A 121 -18.64 -22.35 -20.53
CA ALA A 121 -17.90 -23.57 -20.41
C ALA A 121 -17.86 -24.36 -19.10
N GLY A 122 -18.96 -24.40 -18.36
CA GLY A 122 -19.12 -25.08 -17.09
C GLY A 122 -19.46 -24.04 -16.02
N VAL A 123 -19.38 -24.42 -14.78
CA VAL A 123 -19.49 -23.73 -13.53
C VAL A 123 -18.82 -24.74 -12.55
N LYS A 124 -17.68 -24.21 -12.17
CA LYS A 124 -16.62 -24.83 -11.43
C LYS A 124 -16.80 -24.76 -9.93
N GLU A 125 -16.75 -23.64 -9.23
CA GLU A 125 -17.01 -23.70 -7.79
C GLU A 125 -18.05 -22.64 -7.45
N THR A 126 -18.55 -22.74 -6.23
CA THR A 126 -19.53 -21.76 -5.73
C THR A 126 -19.17 -21.55 -4.26
N THR A 127 -19.19 -20.31 -3.85
CA THR A 127 -18.90 -19.90 -2.48
C THR A 127 -19.97 -18.86 -2.15
N ASP A 128 -19.95 -18.31 -0.96
CA ASP A 128 -20.90 -17.32 -0.54
C ASP A 128 -20.50 -15.94 -1.05
N VAL A 129 -19.38 -15.45 -0.53
CA VAL A 129 -18.79 -14.16 -0.74
C VAL A 129 -17.37 -14.15 -1.34
N VAL A 130 -17.17 -13.61 -2.53
CA VAL A 130 -15.89 -13.40 -3.17
C VAL A 130 -15.28 -12.04 -2.85
N ILE A 131 -13.99 -12.00 -2.56
CA ILE A 131 -13.26 -10.77 -2.26
C ILE A 131 -12.13 -10.61 -3.28
N ILE A 132 -12.07 -9.47 -3.94
CA ILE A 132 -11.10 -9.16 -5.00
C ILE A 132 -9.95 -8.39 -4.34
N GLY A 133 -8.75 -8.99 -4.23
CA GLY A 133 -7.58 -8.34 -3.69
C GLY A 133 -7.16 -8.66 -2.29
N SER A 134 -5.83 -8.77 -2.05
CA SER A 134 -5.42 -9.09 -0.68
C SER A 134 -4.71 -7.98 0.10
N GLY A 135 -4.94 -6.71 -0.13
CA GLY A 135 -4.33 -5.76 0.82
C GLY A 135 -5.12 -5.80 2.14
N GLY A 136 -4.94 -4.74 2.92
CA GLY A 136 -5.73 -4.50 4.11
C GLY A 136 -7.24 -4.45 3.92
N ALA A 137 -7.87 -3.96 2.86
CA ALA A 137 -9.34 -3.95 2.85
C ALA A 137 -9.94 -5.32 2.63
N GLY A 138 -9.30 -6.03 1.71
CA GLY A 138 -9.61 -7.41 1.36
C GLY A 138 -9.36 -8.38 2.54
N LEU A 139 -8.29 -8.24 3.32
CA LEU A 139 -8.12 -9.23 4.38
C LEU A 139 -9.07 -8.87 5.54
N ALA A 140 -9.21 -7.58 5.78
CA ALA A 140 -10.13 -7.19 6.86
C ALA A 140 -11.51 -7.69 6.50
N ALA A 141 -11.92 -7.62 5.23
CA ALA A 141 -13.23 -8.12 4.81
C ALA A 141 -13.28 -9.62 5.02
N ALA A 142 -12.17 -10.30 4.71
CA ALA A 142 -12.09 -11.73 4.86
C ALA A 142 -12.39 -12.06 6.33
N VAL A 143 -11.65 -11.47 7.27
CA VAL A 143 -11.92 -11.74 8.66
C VAL A 143 -13.42 -11.54 8.92
N SER A 144 -13.92 -10.34 8.67
CA SER A 144 -15.32 -10.01 8.87
C SER A 144 -16.34 -10.83 8.12
N ALA A 145 -16.18 -11.22 6.88
CA ALA A 145 -17.23 -12.01 6.22
C ALA A 145 -17.34 -13.37 6.91
N ARG A 146 -16.16 -13.97 6.98
CA ARG A 146 -15.85 -15.22 7.58
C ARG A 146 -16.27 -15.29 9.04
N ASP A 147 -15.93 -14.24 9.78
CA ASP A 147 -16.15 -14.14 11.21
C ASP A 147 -17.60 -14.07 11.61
N ALA A 148 -18.36 -15.11 11.39
CA ALA A 148 -19.77 -15.10 11.72
C ALA A 148 -20.30 -14.45 10.44
N GLY A 149 -20.62 -15.50 9.67
CA GLY A 149 -21.13 -15.37 8.32
C GLY A 149 -20.62 -16.58 7.53
N ALA A 150 -20.28 -16.21 6.31
CA ALA A 150 -20.02 -17.04 5.20
C ALA A 150 -18.66 -17.64 4.87
N LYS A 151 -18.75 -18.20 3.66
CA LYS A 151 -17.70 -18.83 2.91
C LYS A 151 -17.10 -17.68 2.11
N VAL A 152 -15.77 -17.72 1.98
CA VAL A 152 -15.01 -16.69 1.31
C VAL A 152 -13.87 -17.28 0.48
N ILE A 153 -13.79 -16.73 -0.71
CA ILE A 153 -12.74 -17.00 -1.68
C ILE A 153 -12.18 -15.62 -2.09
N LEU A 154 -10.92 -15.44 -1.74
CA LEU A 154 -10.24 -14.17 -1.99
C LEU A 154 -9.21 -14.37 -3.09
N LEU A 155 -9.23 -13.60 -4.16
CA LEU A 155 -8.30 -13.69 -5.24
C LEU A 155 -7.30 -12.54 -5.32
N GLU A 156 -6.06 -12.85 -5.61
CA GLU A 156 -5.05 -11.78 -5.69
C GLU A 156 -4.27 -12.04 -6.96
N LYS A 157 -4.01 -11.06 -7.79
CA LYS A 157 -3.32 -11.41 -9.04
C LYS A 157 -1.82 -11.52 -8.90
N GLU A 158 -1.23 -10.73 -8.02
CA GLU A 158 0.21 -10.81 -7.76
C GLU A 158 0.54 -12.21 -7.27
N PRO A 159 1.82 -12.57 -7.29
CA PRO A 159 2.27 -13.86 -6.76
C PRO A 159 2.48 -13.80 -5.27
N ILE A 160 2.44 -12.60 -4.68
CA ILE A 160 2.53 -12.45 -3.25
C ILE A 160 1.43 -11.50 -2.75
N PRO A 161 1.07 -11.61 -1.49
CA PRO A 161 0.01 -10.79 -0.93
C PRO A 161 0.32 -9.41 -0.39
N GLY A 162 -0.74 -8.76 0.11
CA GLY A 162 -0.77 -7.52 0.81
C GLY A 162 -0.72 -6.16 0.17
N GLY A 163 -0.75 -6.14 -1.16
CA GLY A 163 -0.79 -4.94 -1.96
C GLY A 163 0.11 -3.82 -1.49
N ASN A 164 -0.44 -2.60 -1.49
CA ASN A 164 0.30 -1.43 -1.03
C ASN A 164 0.18 -1.41 0.49
N THR A 165 -0.91 -1.94 1.04
CA THR A 165 -1.10 -1.97 2.49
C THR A 165 0.22 -2.26 3.21
N LYS A 166 0.86 -3.37 2.86
CA LYS A 166 2.10 -3.86 3.39
C LYS A 166 3.33 -2.98 3.23
N LEU A 167 3.29 -1.92 2.44
CA LEU A 167 4.42 -1.03 2.32
C LEU A 167 4.18 0.15 3.28
N ALA A 168 2.99 0.30 3.84
CA ALA A 168 2.65 1.46 4.64
C ALA A 168 3.71 1.75 5.69
N ALA A 169 4.05 3.00 5.93
CA ALA A 169 5.07 3.31 6.91
C ALA A 169 4.60 4.11 8.11
N GLY A 170 3.99 5.25 7.87
CA GLY A 170 3.59 6.21 8.84
C GLY A 170 2.47 6.12 9.82
N GLY A 171 1.57 5.17 9.84
CA GLY A 171 0.49 5.16 10.83
C GLY A 171 -0.95 5.08 10.35
N MET A 172 -1.86 4.59 11.20
CA MET A 172 -3.27 4.49 10.93
C MET A 172 -4.04 5.46 11.85
N ASN A 173 -4.66 6.49 11.31
CA ASN A 173 -5.37 7.44 12.14
C ASN A 173 -6.51 6.83 12.92
N ALA A 174 -6.52 7.36 14.15
CA ALA A 174 -7.61 6.95 15.02
C ALA A 174 -7.84 8.09 16.03
N ALA A 175 -9.14 8.01 16.31
CA ALA A 175 -9.68 9.02 17.17
C ALA A 175 -10.46 8.46 18.37
N GLU A 176 -9.87 9.17 19.35
CA GLU A 176 -10.26 9.13 20.74
C GLU A 176 -9.47 7.97 21.33
N THR A 177 -10.26 7.09 21.86
CA THR A 177 -10.29 5.95 22.70
C THR A 177 -9.37 4.80 22.37
N LYS A 178 -8.60 5.02 21.30
CA LYS A 178 -7.45 4.20 21.03
C LYS A 178 -6.66 4.38 22.34
N PRO A 179 -5.65 3.52 22.54
CA PRO A 179 -4.61 3.58 23.51
C PRO A 179 -4.09 4.95 23.85
N GLN A 180 -4.39 5.98 23.11
CA GLN A 180 -4.38 7.40 23.14
C GLN A 180 -4.50 7.77 24.62
N ALA A 181 -5.53 7.26 25.29
CA ALA A 181 -5.60 7.37 26.74
C ALA A 181 -4.20 7.19 27.30
N LYS A 182 -3.64 5.97 27.20
CA LYS A 182 -2.31 5.67 27.67
C LYS A 182 -1.17 6.60 27.31
N LEU A 183 -1.12 7.59 26.45
CA LEU A 183 0.10 8.39 26.27
C LEU A 183 -0.11 9.85 26.69
N GLY A 184 -1.35 10.12 27.15
CA GLY A 184 -1.71 11.49 27.52
C GLY A 184 -1.92 12.34 26.26
N ILE A 185 -2.41 11.70 25.19
CA ILE A 185 -2.74 12.43 23.99
C ILE A 185 -4.27 12.62 24.05
N GLU A 186 -4.57 13.91 24.21
CA GLU A 186 -5.94 14.40 24.32
C GLU A 186 -6.45 14.67 22.90
N ASP A 187 -7.55 14.02 22.54
CA ASP A 187 -8.09 14.12 21.19
C ASP A 187 -9.57 13.77 21.14
N LYS A 188 -10.31 14.22 20.14
CA LYS A 188 -11.75 13.97 20.07
C LYS A 188 -12.26 13.59 18.70
N LYS A 189 -13.36 12.83 18.58
CA LYS A 189 -13.88 12.41 17.29
C LYS A 189 -14.08 13.53 16.29
N GLN A 190 -14.89 14.55 16.59
CA GLN A 190 -15.17 15.66 15.67
C GLN A 190 -13.92 16.34 15.14
N ILE A 191 -12.81 16.30 15.88
CA ILE A 191 -11.53 16.79 15.40
C ILE A 191 -10.93 15.80 14.41
N MET A 192 -11.54 14.64 14.18
CA MET A 192 -11.06 13.68 13.17
C MET A 192 -11.75 14.22 11.91
N ILE A 193 -13.08 14.11 11.91
CA ILE A 193 -13.92 14.63 10.84
C ILE A 193 -13.44 15.99 10.35
N ASP A 194 -13.44 16.98 11.25
CA ASP A 194 -13.04 18.32 10.87
C ASP A 194 -11.67 18.43 10.25
N ASP A 195 -10.60 17.68 10.54
CA ASP A 195 -9.37 17.95 9.78
C ASP A 195 -9.41 17.18 8.46
N THR A 196 -10.29 16.17 8.46
CA THR A 196 -10.44 15.32 7.27
C THR A 196 -11.27 16.04 6.24
N MET A 197 -12.22 16.88 6.66
CA MET A 197 -12.94 17.74 5.72
C MET A 197 -12.00 18.86 5.27
N LYS A 198 -11.27 19.44 6.22
CA LYS A 198 -10.29 20.48 5.85
C LYS A 198 -9.28 19.88 4.90
N GLY A 199 -8.65 18.75 5.24
CA GLY A 199 -7.63 18.14 4.40
C GLY A 199 -8.11 17.91 2.98
N GLY A 200 -9.26 17.28 2.79
CA GLY A 200 -9.81 16.99 1.49
C GLY A 200 -10.58 18.09 0.79
N ARG A 201 -10.42 19.32 1.27
CA ARG A 201 -10.99 20.53 0.73
C ARG A 201 -12.50 20.55 0.74
N ASN A 202 -13.10 20.05 1.79
CA ASN A 202 -14.54 20.03 1.97
C ASN A 202 -15.39 19.34 0.95
N ILE A 203 -14.91 18.52 0.01
CA ILE A 203 -15.87 17.84 -0.86
C ILE A 203 -16.08 16.42 -0.32
N ASN A 204 -15.39 16.01 0.74
CA ASN A 204 -15.52 14.60 1.13
C ASN A 204 -17.00 14.29 1.39
N ASP A 205 -17.43 13.08 1.07
CA ASP A 205 -18.80 12.68 1.42
C ASP A 205 -18.78 12.74 2.95
N PRO A 206 -19.65 13.55 3.52
CA PRO A 206 -19.75 13.72 4.96
C PRO A 206 -20.14 12.47 5.71
N GLU A 207 -21.05 11.65 5.18
CA GLU A 207 -21.46 10.45 5.89
C GLU A 207 -20.26 9.50 5.96
N LEU A 208 -19.52 9.40 4.85
CA LEU A 208 -18.35 8.54 4.87
C LEU A 208 -17.33 9.01 5.88
N VAL A 209 -16.95 10.29 5.89
CA VAL A 209 -15.91 10.77 6.82
C VAL A 209 -16.29 10.47 8.27
N LYS A 210 -17.58 10.44 8.56
CA LYS A 210 -18.22 10.24 9.82
C LYS A 210 -17.92 8.84 10.36
N VAL A 211 -18.31 7.86 9.57
CA VAL A 211 -18.02 6.46 9.93
C VAL A 211 -16.52 6.29 9.95
N LEU A 212 -15.72 6.87 9.06
CA LEU A 212 -14.26 6.90 9.15
C LEU A 212 -13.78 7.59 10.41
N ALA A 213 -14.64 8.23 11.20
CA ALA A 213 -14.24 8.92 12.42
C ALA A 213 -14.70 8.03 13.57
N ASN A 214 -16.01 7.81 13.56
CA ASN A 214 -16.69 7.05 14.58
C ASN A 214 -16.32 5.58 14.69
N ASN A 215 -15.71 4.92 13.69
CA ASN A 215 -15.34 3.52 13.92
C ASN A 215 -13.82 3.47 14.18
N SER A 216 -13.12 4.60 14.05
CA SER A 216 -11.67 4.60 14.26
C SER A 216 -11.29 3.69 15.43
N SER A 217 -11.51 4.14 16.66
CA SER A 217 -11.21 3.42 17.87
C SER A 217 -11.44 1.91 17.78
N ASP A 218 -12.64 1.46 17.40
CA ASP A 218 -12.88 0.03 17.30
C ASP A 218 -12.05 -0.62 16.22
N SER A 219 -11.82 0.03 15.08
CA SER A 219 -10.91 -0.66 14.14
C SER A 219 -9.58 -0.82 14.85
N ILE A 220 -9.06 0.19 15.57
CA ILE A 220 -7.82 0.07 16.33
C ILE A 220 -7.90 -0.84 17.55
N ASP A 221 -9.08 -1.27 17.98
CA ASP A 221 -9.27 -2.23 19.04
C ASP A 221 -9.30 -3.59 18.32
N TRP A 222 -10.01 -3.63 17.19
CA TRP A 222 -10.12 -4.87 16.43
C TRP A 222 -8.75 -5.49 16.13
N LEU A 223 -7.91 -4.64 15.56
CA LEU A 223 -6.55 -5.02 15.20
C LEU A 223 -5.96 -5.62 16.47
N THR A 224 -6.14 -4.95 17.59
CA THR A 224 -5.76 -5.39 18.92
C THR A 224 -6.39 -6.70 19.32
N SER A 225 -7.66 -7.00 19.06
CA SER A 225 -8.24 -8.32 19.33
C SER A 225 -7.49 -9.40 18.53
N MET A 226 -6.73 -9.04 17.50
CA MET A 226 -6.06 -9.92 16.58
C MET A 226 -4.58 -10.12 16.71
N GLY A 227 -3.83 -9.30 17.42
CA GLY A 227 -2.40 -9.56 17.60
C GLY A 227 -1.56 -8.32 17.31
N ALA A 228 -2.24 -7.24 16.95
CA ALA A 228 -1.57 -6.04 16.51
C ALA A 228 -0.95 -5.13 17.56
N ASP A 229 -0.09 -4.25 17.05
CA ASP A 229 0.68 -3.32 17.85
C ASP A 229 0.72 -1.90 17.27
N MET A 230 -0.32 -1.25 17.77
CA MET A 230 -0.67 0.14 17.49
C MET A 230 -0.49 0.96 18.76
N THR A 231 0.74 1.22 19.20
CA THR A 231 0.86 2.00 20.44
C THR A 231 1.77 3.21 20.26
N ASP A 232 2.76 3.24 19.37
CA ASP A 232 3.56 4.44 19.19
C ASP A 232 2.84 5.47 18.30
N VAL A 233 2.52 6.66 18.85
CA VAL A 233 1.79 7.69 18.12
C VAL A 233 2.56 8.93 17.72
N GLY A 234 2.33 9.36 16.49
CA GLY A 234 2.92 10.55 15.91
C GLY A 234 1.96 11.46 15.15
N ARG A 235 2.60 12.50 14.61
CA ARG A 235 2.07 13.61 13.87
C ARG A 235 2.31 13.47 12.37
N MET A 236 1.19 13.43 11.67
CA MET A 236 1.19 13.36 10.21
C MET A 236 0.78 14.75 9.70
N GLY A 237 1.31 15.12 8.55
CA GLY A 237 0.91 16.39 7.95
C GLY A 237 -0.63 16.45 7.94
N GLY A 238 -1.13 17.64 8.25
CA GLY A 238 -2.53 17.95 8.27
C GLY A 238 -3.43 17.70 9.42
N ALA A 239 -3.06 17.14 10.55
CA ALA A 239 -4.02 16.93 11.65
C ALA A 239 -3.65 17.80 12.85
N SER A 240 -4.42 17.74 13.93
CA SER A 240 -4.08 18.53 15.11
C SER A 240 -3.58 17.58 16.22
N VAL A 241 -4.45 17.23 17.16
CA VAL A 241 -4.07 16.30 18.21
C VAL A 241 -3.32 15.12 17.61
N ASN A 242 -2.21 14.64 18.18
CA ASN A 242 -1.47 13.53 17.58
C ASN A 242 -2.28 12.26 17.44
N ARG A 243 -2.24 11.57 16.27
CA ARG A 243 -3.05 10.37 16.11
C ARG A 243 -2.69 9.29 15.09
N SER A 244 -1.49 9.24 14.53
CA SER A 244 -1.17 8.19 13.56
C SER A 244 -0.54 7.00 14.29
N HIS A 245 -1.37 5.99 14.54
CA HIS A 245 -0.95 4.80 15.27
C HIS A 245 0.04 3.96 14.48
N ARG A 246 0.95 3.32 15.23
CA ARG A 246 1.95 2.48 14.59
C ARG A 246 2.55 1.56 15.64
N PRO A 247 3.47 0.71 15.22
CA PRO A 247 4.15 -0.22 16.12
C PRO A 247 5.23 0.50 16.91
N THR A 248 5.57 -0.07 18.06
CA THR A 248 6.49 0.49 19.01
C THR A 248 7.82 1.07 18.53
N GLY A 249 7.94 2.37 18.83
CA GLY A 249 9.10 3.18 18.54
C GLY A 249 9.31 3.72 17.15
N GLY A 250 8.37 3.67 16.20
CA GLY A 250 8.62 4.24 14.88
C GLY A 250 8.84 3.25 13.75
N ALA A 251 8.46 1.99 13.95
CA ALA A 251 8.53 1.00 12.87
C ALA A 251 7.28 1.29 12.02
N GLY A 252 6.96 0.42 11.06
CA GLY A 252 5.79 0.59 10.21
C GLY A 252 4.65 -0.39 10.34
N VAL A 253 3.43 0.12 10.40
CA VAL A 253 2.13 -0.43 10.55
C VAL A 253 1.61 -1.28 9.40
N GLY A 254 2.14 -1.00 8.19
CA GLY A 254 1.61 -1.65 7.00
C GLY A 254 1.82 -3.15 7.01
N ALA A 255 3.11 -3.45 6.96
CA ALA A 255 3.58 -4.85 7.07
C ALA A 255 2.89 -5.47 8.30
N HIS A 256 3.07 -4.83 9.45
CA HIS A 256 2.46 -5.26 10.70
C HIS A 256 0.98 -5.47 10.54
N VAL A 257 0.19 -4.51 10.03
CA VAL A 257 -1.25 -4.75 9.90
C VAL A 257 -1.50 -5.83 8.86
N ALA A 258 -0.87 -5.78 7.69
CA ALA A 258 -1.12 -6.79 6.66
C ALA A 258 -0.96 -8.20 7.22
N GLN A 259 0.21 -8.39 7.83
CA GLN A 259 0.56 -9.67 8.43
C GLN A 259 -0.51 -10.09 9.44
N VAL A 260 -0.85 -9.20 10.41
CA VAL A 260 -1.85 -9.64 11.38
C VAL A 260 -3.13 -9.96 10.64
N LEU A 261 -3.56 -9.25 9.60
CA LEU A 261 -4.81 -9.60 8.94
C LEU A 261 -4.72 -10.84 8.05
N TRP A 262 -3.55 -11.00 7.44
CA TRP A 262 -3.30 -12.23 6.68
C TRP A 262 -3.50 -13.48 7.56
N ASP A 263 -2.80 -13.54 8.71
CA ASP A 263 -2.92 -14.71 9.59
C ASP A 263 -4.33 -14.96 10.10
N ASN A 264 -5.03 -13.90 10.55
CA ASN A 264 -6.41 -14.06 11.00
C ASN A 264 -7.30 -14.42 9.83
N ALA A 265 -6.93 -13.93 8.62
CA ALA A 265 -7.76 -14.31 7.46
C ALA A 265 -7.52 -15.80 7.21
N VAL A 266 -6.27 -16.23 7.06
CA VAL A 266 -5.94 -17.65 6.89
C VAL A 266 -6.42 -18.54 8.03
N LYS A 267 -6.30 -18.09 9.27
CA LYS A 267 -6.76 -18.77 10.45
C LYS A 267 -8.25 -19.09 10.46
N ARG A 268 -9.14 -18.22 9.98
CA ARG A 268 -10.57 -18.54 9.83
C ARG A 268 -10.67 -19.38 8.59
N GLY A 269 -11.69 -19.68 7.81
CA GLY A 269 -11.33 -20.58 6.67
C GLY A 269 -11.15 -19.77 5.39
N THR A 270 -10.64 -18.54 5.27
CA THR A 270 -10.62 -17.96 3.93
C THR A 270 -9.89 -18.85 2.93
N ASP A 271 -10.38 -18.91 1.70
CA ASP A 271 -9.77 -19.58 0.57
C ASP A 271 -9.01 -18.54 -0.29
N ILE A 272 -7.77 -18.29 0.07
CA ILE A 272 -6.89 -17.33 -0.55
C ILE A 272 -6.12 -17.95 -1.70
N ARG A 273 -6.11 -17.24 -2.82
CA ARG A 273 -5.52 -17.66 -4.06
C ARG A 273 -4.75 -16.53 -4.74
N LEU A 274 -3.46 -16.79 -4.92
CA LEU A 274 -2.60 -15.86 -5.64
C LEU A 274 -2.52 -16.30 -7.10
N ASN A 275 -1.89 -15.45 -7.90
CA ASN A 275 -1.70 -15.64 -9.33
C ASN A 275 -3.06 -15.77 -10.00
N SER A 276 -4.02 -15.00 -9.47
CA SER A 276 -5.41 -15.08 -9.82
C SER A 276 -6.11 -13.72 -9.95
N ARG A 277 -6.24 -13.30 -11.19
CA ARG A 277 -6.82 -12.02 -11.52
C ARG A 277 -8.32 -12.02 -11.78
N VAL A 278 -9.13 -11.25 -11.05
CA VAL A 278 -10.56 -11.25 -11.41
C VAL A 278 -10.74 -10.39 -12.65
N VAL A 279 -11.23 -10.92 -13.77
CA VAL A 279 -11.31 -10.06 -14.96
C VAL A 279 -12.72 -9.69 -15.39
N ARG A 280 -13.74 -10.15 -14.70
CA ARG A 280 -15.11 -9.83 -15.04
C ARG A 280 -16.05 -10.25 -13.92
N ILE A 281 -16.98 -9.33 -13.61
CA ILE A 281 -17.97 -9.65 -12.58
C ILE A 281 -19.16 -10.26 -13.31
N LEU A 282 -19.76 -11.26 -12.69
CA LEU A 282 -20.80 -11.99 -13.39
C LEU A 282 -22.18 -11.47 -13.08
N GLU A 283 -22.74 -11.10 -14.21
CA GLU A 283 -23.99 -10.51 -14.55
C GLU A 283 -25.21 -11.42 -14.43
N ASP A 284 -26.10 -11.17 -13.48
CA ASP A 284 -27.37 -11.90 -13.50
C ASP A 284 -28.24 -11.10 -14.49
N GLY A 287 -29.58 -6.96 -13.64
CA GLY A 287 -28.17 -7.36 -13.49
C GLY A 287 -27.73 -7.44 -12.04
N LYS A 288 -27.98 -8.60 -11.43
CA LYS A 288 -27.56 -8.87 -10.08
C LYS A 288 -26.19 -9.57 -10.22
N VAL A 289 -25.32 -9.33 -9.24
CA VAL A 289 -24.02 -10.02 -9.32
C VAL A 289 -24.25 -11.49 -9.05
N THR A 290 -23.81 -12.34 -9.96
CA THR A 290 -24.00 -13.78 -9.81
C THR A 290 -22.70 -14.50 -9.41
N GLY A 291 -21.59 -14.06 -9.98
CA GLY A 291 -20.31 -14.70 -9.70
C GLY A 291 -19.13 -13.80 -10.07
N VAL A 292 -18.09 -14.43 -10.63
CA VAL A 292 -16.87 -13.68 -10.98
C VAL A 292 -16.12 -14.48 -12.02
N LEU A 293 -15.44 -13.83 -12.95
CA LEU A 293 -14.65 -14.54 -13.94
C LEU A 293 -13.15 -14.37 -13.56
N VAL A 294 -12.54 -15.42 -13.04
CA VAL A 294 -11.15 -15.47 -12.63
C VAL A 294 -10.18 -16.01 -13.67
N LYS A 295 -9.15 -15.30 -14.07
CA LYS A 295 -8.12 -15.86 -14.96
C LYS A 295 -7.01 -16.42 -14.09
N GLY A 296 -7.03 -17.63 -13.59
CA GLY A 296 -5.89 -18.09 -12.77
C GLY A 296 -4.66 -18.09 -13.71
N GLU A 297 -3.57 -17.41 -13.33
CA GLU A 297 -2.40 -17.40 -14.20
C GLU A 297 -1.98 -18.77 -14.74
N TYR A 298 -1.96 -19.85 -13.97
CA TYR A 298 -1.54 -21.12 -14.52
C TYR A 298 -2.68 -22.08 -14.82
N THR A 299 -3.82 -21.96 -14.12
CA THR A 299 -4.89 -22.89 -14.42
C THR A 299 -5.89 -22.39 -15.46
N GLY A 300 -5.73 -21.24 -16.09
CA GLY A 300 -6.69 -20.80 -17.10
C GLY A 300 -7.89 -20.09 -16.45
N TYR A 301 -8.96 -19.92 -17.24
CA TYR A 301 -10.14 -19.17 -16.85
C TYR A 301 -11.13 -19.98 -16.02
N TYR A 302 -12.00 -19.30 -15.26
CA TYR A 302 -12.93 -20.08 -14.46
C TYR A 302 -13.92 -19.22 -13.68
N VAL A 303 -15.12 -19.83 -13.53
CA VAL A 303 -16.22 -19.13 -12.90
C VAL A 303 -16.37 -19.55 -11.45
N ILE A 304 -16.64 -18.56 -10.61
CA ILE A 304 -16.93 -18.82 -9.20
C ILE A 304 -18.33 -18.28 -8.92
N LYS A 305 -19.30 -19.11 -8.54
CA LYS A 305 -20.62 -18.54 -8.30
C LYS A 305 -20.59 -18.03 -6.85
N ALA A 306 -21.22 -16.88 -6.65
CA ALA A 306 -21.28 -16.36 -5.29
C ALA A 306 -22.40 -15.34 -5.19
N ASP A 307 -22.77 -15.01 -3.96
CA ASP A 307 -23.87 -14.08 -3.74
C ASP A 307 -23.45 -12.66 -3.42
N ALA A 308 -22.23 -12.44 -2.97
CA ALA A 308 -21.77 -11.08 -2.70
C ALA A 308 -20.34 -10.95 -3.25
N VAL A 309 -20.08 -9.81 -3.90
CA VAL A 309 -18.71 -9.59 -4.39
C VAL A 309 -18.09 -8.40 -3.66
N VAL A 310 -17.10 -8.59 -2.77
CA VAL A 310 -16.45 -7.40 -2.19
C VAL A 310 -15.34 -6.93 -3.12
N ILE A 311 -15.36 -5.67 -3.60
CA ILE A 311 -14.28 -5.20 -4.46
C ILE A 311 -13.29 -4.44 -3.56
N ALA A 312 -12.07 -4.96 -3.50
CA ALA A 312 -11.07 -4.36 -2.60
C ALA A 312 -9.71 -4.28 -3.29
N ALA A 313 -9.76 -3.99 -4.58
CA ALA A 313 -8.66 -4.00 -5.50
C ALA A 313 -7.69 -2.84 -5.41
N GLY A 314 -7.86 -1.87 -4.54
CA GLY A 314 -6.93 -0.78 -4.41
C GLY A 314 -6.99 0.25 -5.54
N GLY A 315 -6.05 1.21 -5.56
CA GLY A 315 -5.98 2.28 -6.49
C GLY A 315 -5.29 2.08 -7.83
N PHE A 316 -5.13 3.19 -8.59
CA PHE A 316 -4.47 3.07 -9.90
C PHE A 316 -3.16 3.87 -9.95
N ALA A 317 -2.70 4.42 -8.82
CA ALA A 317 -1.43 5.17 -8.85
C ALA A 317 -0.47 4.16 -9.41
N LYS A 318 0.52 4.33 -10.24
CA LYS A 318 1.30 3.15 -10.67
C LYS A 318 0.92 2.97 -12.15
N ASN A 319 -0.33 3.25 -12.50
CA ASN A 319 -0.58 3.20 -13.98
C ASN A 319 -0.32 4.60 -14.50
N ASN A 320 0.88 4.92 -14.97
CA ASN A 320 1.18 6.26 -15.44
C ASN A 320 0.38 6.62 -16.68
N GLU A 321 0.04 5.69 -17.56
CA GLU A 321 -0.86 5.94 -18.66
C GLU A 321 -2.20 6.49 -18.14
N ARG A 322 -2.82 5.88 -17.12
CA ARG A 322 -4.11 6.41 -16.66
C ARG A 322 -4.03 7.70 -15.87
N VAL A 323 -3.09 7.80 -14.94
CA VAL A 323 -2.87 8.96 -14.10
C VAL A 323 -2.53 10.16 -14.97
N SER A 324 -1.70 9.93 -15.98
CA SER A 324 -1.35 10.99 -16.93
C SER A 324 -2.61 11.39 -17.69
N LYS A 325 -3.63 10.52 -17.80
CA LYS A 325 -4.86 10.87 -18.46
C LYS A 325 -5.65 11.91 -17.68
N TYR A 326 -5.52 12.09 -16.36
CA TYR A 326 -6.35 13.07 -15.67
C TYR A 326 -5.56 14.31 -15.25
N ASP A 327 -4.28 14.05 -15.13
CA ASP A 327 -3.34 15.03 -14.64
C ASP A 327 -2.06 14.66 -15.34
N PRO A 328 -1.86 15.20 -16.53
CA PRO A 328 -0.66 14.92 -17.29
C PRO A 328 0.59 15.61 -16.75
N LYS A 329 0.54 16.25 -15.59
CA LYS A 329 1.73 16.82 -14.98
C LYS A 329 2.61 15.66 -14.56
N LEU A 330 1.99 14.62 -14.03
CA LEU A 330 2.55 13.37 -13.59
C LEU A 330 3.03 12.45 -14.68
N LYS A 331 2.82 12.76 -15.97
CA LYS A 331 3.32 11.85 -17.01
C LYS A 331 4.81 11.69 -16.75
N GLY A 332 5.29 10.45 -16.82
CA GLY A 332 6.70 10.15 -16.64
C GLY A 332 7.15 10.07 -15.19
N PHE A 333 6.38 10.58 -14.23
CA PHE A 333 6.71 10.50 -12.83
C PHE A 333 6.82 9.04 -12.42
N LYS A 334 7.42 8.83 -11.26
CA LYS A 334 7.55 7.49 -10.68
C LYS A 334 6.39 7.34 -9.69
N ALA A 335 6.12 6.10 -9.28
CA ALA A 335 5.05 5.84 -8.33
C ALA A 335 5.63 5.20 -7.09
N THR A 336 5.02 5.36 -5.92
CA THR A 336 5.49 4.73 -4.69
C THR A 336 4.85 3.37 -4.47
N ASN A 337 4.02 2.91 -5.42
CA ASN A 337 3.17 1.75 -5.19
C ASN A 337 3.80 0.42 -5.54
N HIS A 338 3.15 -0.67 -5.14
CA HIS A 338 3.66 -1.96 -5.64
C HIS A 338 3.20 -2.06 -7.09
N PRO A 339 3.58 -3.11 -7.80
CA PRO A 339 3.24 -3.25 -9.20
C PRO A 339 1.80 -3.58 -9.50
N GLY A 340 0.94 -3.96 -8.56
CA GLY A 340 -0.43 -4.34 -8.90
C GLY A 340 -1.49 -3.26 -8.96
N ALA A 341 -1.22 -2.05 -8.49
CA ALA A 341 -2.18 -0.97 -8.42
C ALA A 341 -2.36 -0.30 -9.76
N THR A 342 -2.93 -0.99 -10.75
CA THR A 342 -3.05 -0.39 -12.08
C THR A 342 -4.47 -0.08 -12.51
N GLY A 343 -5.50 -0.40 -11.72
CA GLY A 343 -6.84 0.02 -12.09
C GLY A 343 -7.78 -1.07 -12.58
N ASP A 344 -7.31 -2.30 -12.58
CA ASP A 344 -8.07 -3.48 -12.92
C ASP A 344 -9.44 -3.44 -12.26
N GLY A 345 -9.35 -3.35 -10.93
CA GLY A 345 -10.51 -3.29 -10.06
C GLY A 345 -11.52 -2.33 -10.68
N LEU A 346 -11.23 -1.04 -10.74
CA LEU A 346 -12.12 -0.05 -11.34
C LEU A 346 -12.76 -0.56 -12.64
N ASP A 347 -11.90 -0.85 -13.62
CA ASP A 347 -12.32 -1.46 -14.87
C ASP A 347 -13.34 -2.58 -14.68
N VAL A 348 -13.08 -3.57 -13.81
CA VAL A 348 -14.06 -4.64 -13.62
C VAL A 348 -15.40 -4.10 -13.15
N ALA A 349 -15.37 -3.19 -12.18
CA ALA A 349 -16.56 -2.56 -11.63
C ALA A 349 -17.29 -1.70 -12.65
N LEU A 350 -16.55 -0.88 -13.39
CA LEU A 350 -17.11 -0.03 -14.42
C LEU A 350 -17.91 -0.90 -15.38
N GLN A 351 -17.29 -2.01 -15.80
CA GLN A 351 -17.93 -2.97 -16.69
C GLN A 351 -19.27 -3.39 -16.10
N ALA A 352 -19.38 -3.56 -14.80
CA ALA A 352 -20.55 -3.95 -14.08
C ALA A 352 -21.51 -2.80 -13.82
N GLY A 353 -21.18 -1.64 -14.38
CA GLY A 353 -21.97 -0.44 -14.36
C GLY A 353 -21.87 0.31 -13.07
N ALA A 354 -20.75 0.37 -12.38
CA ALA A 354 -20.67 1.11 -11.13
C ALA A 354 -20.40 2.59 -11.30
N ALA A 355 -20.87 3.45 -10.40
CA ALA A 355 -20.60 4.87 -10.48
C ALA A 355 -19.26 5.15 -9.82
N THR A 356 -18.60 6.23 -10.17
CA THR A 356 -17.34 6.63 -9.55
C THR A 356 -17.38 8.14 -9.26
N ARG A 357 -16.38 8.61 -8.53
CA ARG A 357 -16.27 10.05 -8.27
C ARG A 357 -14.82 10.37 -7.97
N ASP A 358 -14.46 11.63 -8.08
CA ASP A 358 -13.13 12.19 -7.84
C ASP A 358 -11.97 11.43 -8.42
N LEU A 359 -12.18 10.81 -9.58
CA LEU A 359 -11.14 10.05 -10.26
C LEU A 359 -9.94 10.91 -10.62
N GLN A 360 -10.14 12.16 -10.91
CA GLN A 360 -9.07 13.09 -11.22
C GLN A 360 -8.19 13.50 -10.04
N TYR A 361 -8.59 13.51 -8.78
CA TYR A 361 -7.66 13.97 -7.73
C TYR A 361 -6.63 12.90 -7.33
N ILE A 362 -5.41 13.04 -7.79
CA ILE A 362 -4.31 12.10 -7.70
C ILE A 362 -3.17 12.60 -6.82
N GLN A 363 -2.95 11.94 -5.69
CA GLN A 363 -1.99 12.39 -4.68
C GLN A 363 -0.58 11.96 -5.02
N ALA A 364 0.27 12.97 -5.06
CA ALA A 364 1.70 12.73 -5.24
C ALA A 364 2.36 12.88 -3.87
N HIS A 365 3.20 11.93 -3.50
CA HIS A 365 3.99 12.02 -2.28
C HIS A 365 5.21 12.90 -2.58
N PRO A 366 5.41 13.97 -1.82
CA PRO A 366 6.52 14.88 -2.01
C PRO A 366 7.92 14.34 -1.77
N THR A 367 8.11 13.32 -0.95
CA THR A 367 9.45 12.84 -0.63
C THR A 367 9.67 11.36 -0.93
N TYR A 368 9.87 11.08 -2.22
CA TYR A 368 10.14 9.72 -2.70
C TYR A 368 11.63 9.76 -3.01
N SER A 369 12.36 8.68 -2.93
CA SER A 369 13.80 8.74 -3.22
C SER A 369 14.10 8.15 -4.59
N PRO A 370 14.60 8.93 -5.52
CA PRO A 370 14.94 8.44 -6.85
C PRO A 370 15.93 7.29 -6.78
N ALA A 371 17.01 7.49 -6.03
CA ALA A 371 18.05 6.48 -5.89
C ALA A 371 17.56 5.17 -5.29
N GLY A 372 16.69 5.19 -4.28
CA GLY A 372 16.26 3.95 -3.66
C GLY A 372 15.00 3.31 -4.21
N GLY A 373 14.22 4.09 -4.94
CA GLY A 373 12.97 3.58 -5.52
C GLY A 373 11.95 3.34 -4.44
N VAL A 374 11.96 4.20 -3.40
CA VAL A 374 11.05 4.02 -2.30
C VAL A 374 10.62 5.37 -1.74
N MET A 375 9.41 5.36 -1.21
CA MET A 375 8.88 6.56 -0.56
C MET A 375 9.70 6.74 0.71
N ILE A 376 9.86 7.95 1.24
CA ILE A 376 10.48 8.05 2.55
C ILE A 376 9.42 8.73 3.43
N THR A 377 9.06 8.02 4.50
CA THR A 377 7.93 8.46 5.33
C THR A 377 7.90 9.92 5.72
N GLU A 378 6.73 10.50 5.83
CA GLU A 378 6.42 11.87 6.22
C GLU A 378 6.79 12.16 7.66
N ALA A 379 6.90 11.09 8.45
CA ALA A 379 7.31 11.08 9.84
C ALA A 379 8.74 11.61 10.03
N VAL A 380 9.60 11.43 9.02
CA VAL A 380 10.95 12.01 9.15
C VAL A 380 10.79 13.52 9.27
N ARG A 381 9.92 14.20 8.52
CA ARG A 381 9.71 15.65 8.68
C ARG A 381 8.98 15.95 9.99
N GLY A 382 7.99 15.09 10.28
CA GLY A 382 7.19 15.12 11.48
C GLY A 382 8.03 15.13 12.74
N ASN A 383 9.03 14.24 12.85
CA ASN A 383 9.96 14.25 13.96
C ASN A 383 11.03 15.33 13.89
N GLY A 384 11.02 16.34 13.00
CA GLY A 384 12.01 17.40 13.00
C GLY A 384 12.79 17.75 11.75
N ALA A 385 12.84 16.90 10.73
CA ALA A 385 13.58 17.18 9.51
C ALA A 385 13.10 18.45 8.83
N ILE A 386 14.02 19.20 8.22
CA ILE A 386 13.71 20.40 7.44
C ILE A 386 14.03 20.03 6.00
N VAL A 387 13.61 20.72 4.94
CA VAL A 387 13.94 20.23 3.59
C VAL A 387 14.76 21.36 2.97
N VAL A 388 15.71 21.05 2.14
CA VAL A 388 16.59 22.11 1.63
C VAL A 388 16.78 21.98 0.14
N ASN A 389 16.77 23.13 -0.56
CA ASN A 389 17.02 23.02 -1.99
C ASN A 389 18.53 22.89 -2.24
N ARG A 390 18.80 22.81 -3.53
CA ARG A 390 20.10 22.75 -4.15
C ARG A 390 21.03 23.91 -3.84
N GLU A 391 20.50 25.03 -3.38
CA GLU A 391 21.22 26.21 -3.00
C GLU A 391 21.61 26.15 -1.53
N GLY A 392 20.91 25.36 -0.72
CA GLY A 392 21.23 25.25 0.69
C GLY A 392 20.22 25.86 1.61
N ASN A 393 19.05 26.26 1.10
CA ASN A 393 18.04 26.89 1.91
C ASN A 393 16.71 26.16 1.94
N ARG A 394 15.93 26.55 2.94
CA ARG A 394 14.55 26.14 3.07
C ARG A 394 13.70 26.86 2.02
N PHE A 395 12.51 26.31 1.81
CA PHE A 395 11.55 26.84 0.85
C PHE A 395 10.14 26.39 1.14
N MET A 396 9.83 25.87 2.32
CA MET A 396 8.47 25.43 2.56
C MET A 396 8.25 25.05 4.01
N ASN A 397 6.98 25.01 4.37
CA ASN A 397 6.64 24.51 5.70
C ASN A 397 6.52 23.01 5.43
N GLU A 398 7.57 22.35 5.87
CA GLU A 398 7.80 20.94 5.68
C GLU A 398 6.64 20.09 6.16
N ILE A 399 5.83 20.49 7.13
CA ILE A 399 4.69 19.65 7.46
C ILE A 399 3.44 20.19 6.77
N THR A 400 3.51 20.86 5.61
CA THR A 400 2.30 21.25 4.92
C THR A 400 1.64 20.03 4.24
N THR A 401 0.53 20.31 3.57
CA THR A 401 -0.24 19.33 2.81
C THR A 401 0.63 18.76 1.70
N ARG A 402 0.47 17.52 1.28
CA ARG A 402 1.28 16.89 0.26
C ARG A 402 1.27 17.59 -1.10
N ASP A 403 0.09 18.05 -1.52
CA ASP A 403 -0.06 18.73 -2.79
C ASP A 403 0.75 20.02 -2.74
N LYS A 404 0.65 20.81 -1.65
CA LYS A 404 1.49 22.00 -1.60
C LYS A 404 2.98 21.65 -1.49
N ALA A 405 3.33 20.63 -0.73
CA ALA A 405 4.73 20.22 -0.63
C ALA A 405 5.26 19.70 -1.95
N SER A 406 4.52 18.85 -2.66
CA SER A 406 4.97 18.39 -3.97
C SER A 406 5.20 19.54 -4.93
N ALA A 407 4.23 20.44 -5.05
CA ALA A 407 4.37 21.65 -5.85
C ALA A 407 5.60 22.49 -5.54
N ALA A 408 5.91 22.86 -4.30
CA ALA A 408 7.12 23.63 -4.02
C ALA A 408 8.41 22.92 -4.36
N ILE A 409 8.54 21.61 -4.22
CA ILE A 409 9.79 20.91 -4.57
C ILE A 409 9.92 20.87 -6.10
N LEU A 410 8.72 20.72 -6.71
CA LEU A 410 8.67 20.73 -8.18
C LEU A 410 9.14 22.11 -8.65
N GLN A 411 8.74 23.19 -7.98
CA GLN A 411 9.21 24.52 -8.36
C GLN A 411 10.64 24.80 -7.93
N GLN A 412 11.53 23.84 -7.66
CA GLN A 412 12.87 24.11 -7.22
C GLN A 412 13.96 23.62 -8.18
N LYS A 413 15.07 24.29 -7.92
CA LYS A 413 16.30 24.13 -8.71
C LYS A 413 16.58 22.63 -8.92
N GLY A 414 16.29 22.14 -10.13
CA GLY A 414 16.46 20.78 -10.56
C GLY A 414 15.36 19.80 -10.24
N GLU A 415 14.23 20.28 -9.73
CA GLU A 415 13.07 19.49 -9.40
C GLU A 415 13.17 18.57 -8.20
N SER A 416 14.20 18.64 -7.37
CA SER A 416 14.28 17.73 -6.24
C SER A 416 14.75 18.53 -5.04
N ALA A 417 14.82 17.90 -3.87
CA ALA A 417 15.19 18.66 -2.68
C ALA A 417 15.86 17.72 -1.70
N TYR A 418 16.28 18.23 -0.54
CA TYR A 418 17.06 17.40 0.38
C TYR A 418 16.45 17.39 1.78
N LEU A 419 16.09 16.20 2.23
CA LEU A 419 15.68 16.03 3.63
C LEU A 419 17.01 16.12 4.42
N VAL A 420 17.04 16.93 5.46
CA VAL A 420 18.24 17.08 6.29
C VAL A 420 17.82 16.93 7.75
N PHE A 421 18.43 16.00 8.46
CA PHE A 421 17.99 15.79 9.84
C PHE A 421 19.24 15.50 10.65
N ASP A 422 19.04 15.27 11.92
CA ASP A 422 20.02 15.08 12.96
C ASP A 422 20.27 13.70 13.53
N ASP A 423 21.13 13.48 14.53
CA ASP A 423 21.28 12.15 15.10
C ASP A 423 20.18 11.83 16.10
N SER A 424 19.68 12.97 16.58
CA SER A 424 18.52 13.06 17.43
C SER A 424 17.25 12.77 16.63
N ILE A 425 17.09 13.20 15.38
CA ILE A 425 15.87 12.83 14.64
C ILE A 425 15.91 11.35 14.24
N ARG A 426 17.08 10.88 13.79
CA ARG A 426 17.31 9.49 13.44
C ARG A 426 16.86 8.64 14.64
N LYS A 427 17.59 8.84 15.76
CA LYS A 427 17.21 8.12 16.99
C LYS A 427 15.82 8.57 17.25
N SER A 428 14.74 7.89 17.58
CA SER A 428 13.42 8.55 17.62
C SER A 428 12.54 8.10 16.46
N LEU A 429 13.10 7.78 15.29
CA LEU A 429 12.20 7.27 14.26
C LEU A 429 12.90 6.10 13.58
N LYS A 430 12.63 4.90 14.12
CA LYS A 430 13.24 3.68 13.60
C LYS A 430 13.07 3.40 12.13
N ALA A 431 12.08 3.90 11.39
CA ALA A 431 12.04 3.67 9.94
C ALA A 431 13.38 4.14 9.34
N ILE A 432 14.00 5.19 9.86
CA ILE A 432 15.30 5.67 9.40
C ILE A 432 16.36 4.60 9.37
N GLU A 433 16.41 3.59 10.23
CA GLU A 433 17.39 2.50 10.12
C GLU A 433 17.26 1.79 8.78
N GLY A 434 16.04 1.56 8.28
CA GLY A 434 15.86 0.98 6.96
C GLY A 434 16.53 1.79 5.86
N TYR A 435 16.32 3.09 5.81
CA TYR A 435 16.91 3.94 4.78
C TYR A 435 18.42 3.83 4.89
N VAL A 436 18.93 3.82 6.12
CA VAL A 436 20.36 3.66 6.34
C VAL A 436 20.79 2.31 5.76
N HIS A 437 20.04 1.26 6.06
CA HIS A 437 20.28 -0.07 5.51
C HIS A 437 20.27 -0.09 4.00
N LEU A 438 19.50 0.75 3.31
CA LEU A 438 19.46 0.80 1.86
C LEU A 438 20.57 1.64 1.25
N ASN A 439 21.46 2.27 2.01
CA ASN A 439 22.59 3.01 1.45
C ASN A 439 22.14 4.27 0.71
N ILE A 440 21.02 4.87 1.07
CA ILE A 440 20.51 6.06 0.40
C ILE A 440 20.66 7.33 1.23
N VAL A 441 21.22 7.18 2.40
CA VAL A 441 21.39 8.26 3.36
C VAL A 441 22.80 8.82 3.44
N LYS A 442 22.94 10.11 3.20
CA LYS A 442 24.24 10.77 3.28
C LYS A 442 24.48 11.20 4.73
N GLU A 443 25.74 11.12 5.10
CA GLU A 443 26.19 11.36 6.47
C GLU A 443 27.26 12.42 6.60
N GLY A 444 27.11 13.36 7.52
CA GLY A 444 28.12 14.37 7.82
C GLY A 444 28.39 14.46 9.31
N LYS A 445 29.68 14.56 9.68
CA LYS A 445 30.06 14.69 11.10
C LYS A 445 29.67 16.08 11.63
N THR A 446 29.60 16.98 10.68
CA THR A 446 29.15 18.35 10.76
C THR A 446 28.28 18.65 9.52
N ILE A 447 27.59 19.78 9.65
CA ILE A 447 26.77 20.27 8.54
C ILE A 447 27.68 20.59 7.38
N GLU A 448 28.87 21.14 7.59
CA GLU A 448 29.84 21.41 6.55
C GLU A 448 30.19 20.12 5.81
N GLU A 449 30.34 19.05 6.58
CA GLU A 449 30.64 17.74 6.02
C GLU A 449 29.45 17.25 5.21
N LEU A 450 28.23 17.35 5.75
CA LEU A 450 27.00 16.97 5.07
C LEU A 450 26.84 17.67 3.73
N ALA A 451 27.10 18.97 3.70
CA ALA A 451 27.06 19.75 2.48
C ALA A 451 27.87 19.15 1.33
N LYS A 452 29.12 18.76 1.58
CA LYS A 452 30.01 18.23 0.54
C LYS A 452 29.48 16.98 -0.15
N GLN A 453 28.81 16.09 0.59
CA GLN A 453 28.28 14.85 0.06
C GLN A 453 27.12 15.06 -0.91
N ILE A 454 26.27 15.97 -0.49
CA ILE A 454 25.03 16.44 -1.04
C ILE A 454 25.18 17.40 -2.20
N ASP A 455 26.29 18.12 -2.27
CA ASP A 455 26.63 19.13 -3.24
C ASP A 455 25.79 20.41 -3.05
N VAL A 456 25.61 20.81 -1.79
CA VAL A 456 24.99 22.07 -1.43
C VAL A 456 26.06 22.85 -0.65
N PRO A 457 26.00 24.17 -0.72
CA PRO A 457 26.94 25.05 -0.07
C PRO A 457 26.80 25.13 1.45
N ALA A 458 27.98 24.90 2.02
CA ALA A 458 28.21 24.81 3.44
C ALA A 458 27.80 26.02 4.25
N ALA A 459 28.27 27.21 3.85
CA ALA A 459 27.88 28.37 4.67
C ALA A 459 26.35 28.50 4.61
N GLU A 460 25.81 28.54 3.40
CA GLU A 460 24.37 28.67 3.23
C GLU A 460 23.59 27.58 3.97
N LEU A 461 23.96 26.31 3.90
CA LEU A 461 23.19 25.28 4.60
C LEU A 461 23.27 25.45 6.11
N ALA A 462 24.46 25.77 6.60
CA ALA A 462 24.71 25.98 8.03
C ALA A 462 23.88 27.16 8.55
N LYS A 463 23.96 28.27 7.79
CA LYS A 463 23.18 29.46 8.12
C LYS A 463 21.71 29.02 8.14
N THR A 464 21.26 28.31 7.09
CA THR A 464 19.91 27.77 7.11
C THR A 464 19.66 27.02 8.43
N VAL A 465 20.45 25.98 8.72
CA VAL A 465 20.23 25.20 9.93
C VAL A 465 20.30 26.04 11.20
N THR A 466 21.30 26.92 11.33
CA THR A 466 21.37 27.66 12.60
C THR A 466 20.14 28.55 12.68
N ALA A 467 19.71 29.16 11.57
CA ALA A 467 18.46 29.93 11.64
C ALA A 467 17.29 29.02 11.99
N TYR A 468 17.15 27.86 11.32
CA TYR A 468 15.99 27.00 11.64
C TYR A 468 15.96 26.72 13.14
N ASN A 469 17.13 26.51 13.74
CA ASN A 469 17.26 26.37 15.19
C ASN A 469 16.67 27.50 16.02
N GLY A 470 16.94 28.73 15.58
CA GLY A 470 16.31 29.91 16.19
C GLY A 470 14.81 29.66 16.10
N PHE A 471 14.26 29.48 14.89
CA PHE A 471 12.81 29.23 14.79
C PHE A 471 12.40 28.18 15.81
N VAL A 472 13.16 27.10 15.96
CA VAL A 472 12.91 26.05 16.95
C VAL A 472 12.78 26.55 18.37
N SER A 474 11.77 28.25 21.07
CA SER A 474 11.69 29.54 20.41
C SER A 474 10.50 29.67 19.48
N GLY A 475 9.68 28.65 19.40
CA GLY A 475 8.47 28.48 18.68
C GLY A 475 7.95 29.29 17.54
N LYS A 476 8.79 29.84 16.67
CA LYS A 476 8.31 30.63 15.54
C LYS A 476 9.19 30.58 14.29
N ASP A 477 8.57 30.09 13.21
CA ASP A 477 9.23 29.93 11.92
C ASP A 477 8.99 31.16 11.07
N ALA A 478 9.74 32.23 11.32
CA ALA A 478 9.60 33.45 10.54
C ALA A 478 10.13 33.32 9.12
N GLN A 479 9.88 32.27 8.39
CA GLN A 479 10.37 32.01 7.06
C GLN A 479 9.20 31.42 6.29
N PHE A 480 8.58 30.39 6.92
CA PHE A 480 7.56 29.55 6.32
C PHE A 480 6.43 29.11 7.20
N GLU A 481 6.29 29.54 8.44
CA GLU A 481 5.16 29.21 9.29
C GLU A 481 5.01 27.80 9.81
N ARG A 482 5.95 26.90 9.68
CA ARG A 482 5.76 25.53 10.21
C ARG A 482 5.21 25.62 11.62
N PRO A 483 4.03 25.05 11.88
CA PRO A 483 3.39 25.10 13.17
C PRO A 483 3.97 24.29 14.31
N ASP A 484 4.66 23.20 14.02
CA ASP A 484 5.29 22.35 15.04
C ASP A 484 6.79 22.40 14.80
N LEU A 485 7.57 22.68 15.83
CA LEU A 485 9.04 22.63 15.69
C LEU A 485 9.51 21.74 16.86
N PRO A 486 9.47 20.42 16.63
CA PRO A 486 9.71 19.41 17.61
C PRO A 486 11.09 19.29 18.23
N ARG A 487 12.09 19.37 17.35
CA ARG A 487 13.47 19.16 17.73
C ARG A 487 14.37 20.16 17.02
N GLU A 488 15.44 20.48 17.73
CA GLU A 488 16.39 21.45 17.29
C GLU A 488 17.39 21.17 16.21
N LEU A 489 17.90 19.99 15.90
CA LEU A 489 18.83 19.84 14.77
C LEU A 489 20.23 20.32 15.10
N VAL A 490 20.78 19.76 16.17
CA VAL A 490 22.10 20.15 16.67
C VAL A 490 22.99 19.05 17.23
N VAL A 491 22.55 17.80 17.23
CA VAL A 491 23.33 16.66 17.72
C VAL A 491 23.89 15.84 16.57
N ALA A 492 25.18 15.95 16.34
CA ALA A 492 25.91 15.22 15.31
C ALA A 492 26.04 13.73 15.44
N PRO A 493 26.30 12.95 14.43
CA PRO A 493 26.33 13.29 13.03
C PRO A 493 24.95 13.70 12.50
N PHE A 494 25.03 14.40 11.38
CA PHE A 494 23.97 15.00 10.60
C PHE A 494 23.73 14.27 9.29
N TYR A 495 22.46 14.09 8.89
CA TYR A 495 22.11 13.30 7.72
C TYR A 495 21.29 13.99 6.63
N ALA A 496 21.34 13.45 5.41
CA ALA A 496 20.59 14.01 4.30
C ALA A 496 20.22 12.95 3.26
N LEU A 497 19.14 13.20 2.53
CA LEU A 497 18.66 12.36 1.45
C LEU A 497 17.91 13.24 0.45
N GLU A 498 18.22 13.12 -0.82
CA GLU A 498 17.53 13.85 -1.88
C GLU A 498 16.20 13.13 -2.10
N ILE A 499 15.12 13.86 -2.22
CA ILE A 499 13.80 13.25 -2.39
C ILE A 499 13.09 13.99 -3.52
N ALA A 500 12.05 13.41 -4.08
CA ALA A 500 11.27 14.14 -5.12
C ALA A 500 9.89 13.52 -5.16
N PRO A 501 8.90 14.22 -5.69
CA PRO A 501 7.50 13.79 -5.64
C PRO A 501 7.19 12.60 -6.54
N ALA A 502 6.36 11.70 -6.02
CA ALA A 502 6.01 10.51 -6.81
C ALA A 502 4.53 10.20 -6.65
N VAL A 503 3.91 9.78 -7.73
CA VAL A 503 2.52 9.40 -7.75
C VAL A 503 2.34 8.40 -6.62
N HIS A 504 1.39 8.60 -5.74
CA HIS A 504 1.17 7.79 -4.57
C HIS A 504 -0.17 7.15 -4.30
N HIS A 505 -1.26 7.90 -4.27
CA HIS A 505 -2.58 7.40 -3.90
C HIS A 505 -3.60 7.98 -4.87
N THR A 506 -4.69 7.27 -5.15
CA THR A 506 -5.73 7.83 -6.04
C THR A 506 -6.98 8.00 -5.16
N MET A 507 -7.27 9.19 -4.64
CA MET A 507 -8.37 9.44 -3.73
C MET A 507 -9.76 9.08 -4.19
N GLY A 508 -9.96 9.14 -5.51
CA GLY A 508 -11.22 8.86 -6.15
C GLY A 508 -11.47 7.38 -6.38
N GLY A 509 -12.60 7.09 -7.03
CA GLY A 509 -12.97 5.69 -7.19
C GLY A 509 -14.48 5.44 -7.13
N LEU A 510 -14.82 4.17 -6.98
CA LEU A 510 -16.21 3.71 -6.98
C LEU A 510 -17.02 4.49 -5.96
N VAL A 511 -18.31 4.68 -6.18
CA VAL A 511 -19.14 5.39 -5.17
C VAL A 511 -19.70 4.37 -4.19
N ILE A 512 -19.63 4.55 -2.87
CA ILE A 512 -20.19 3.60 -1.94
C ILE A 512 -20.87 4.35 -0.78
N ASP A 513 -21.74 3.67 -0.04
CA ASP A 513 -22.35 4.32 1.11
C ASP A 513 -21.54 3.94 2.36
N THR A 514 -22.12 4.16 3.52
CA THR A 514 -21.58 3.81 4.82
C THR A 514 -21.54 2.30 5.10
N LYS A 515 -22.28 1.52 4.36
CA LYS A 515 -22.44 0.10 4.40
C LYS A 515 -21.56 -0.69 3.41
N ALA A 516 -20.79 0.09 2.66
CA ALA A 516 -19.90 -0.35 1.61
C ALA A 516 -20.61 -0.73 0.33
N GLU A 517 -21.88 -0.48 0.13
CA GLU A 517 -22.58 -0.78 -1.12
C GLU A 517 -22.14 0.03 -2.32
N VAL A 518 -22.07 -0.55 -3.51
CA VAL A 518 -21.67 0.21 -4.70
C VAL A 518 -22.89 0.63 -5.51
N LYS A 519 -22.95 1.92 -5.79
CA LYS A 519 -24.07 2.47 -6.58
C LYS A 519 -23.83 2.46 -8.07
N SER A 520 -24.88 2.08 -8.83
CA SER A 520 -24.86 1.99 -10.28
C SER A 520 -24.79 3.38 -10.90
N GLU A 521 -24.13 3.61 -12.02
CA GLU A 521 -24.14 4.91 -12.67
C GLU A 521 -25.58 5.26 -13.08
N LYS A 522 -26.17 4.35 -13.81
CA LYS A 522 -27.53 4.46 -14.33
C LYS A 522 -28.49 4.52 -13.15
N THR A 523 -29.00 3.40 -12.66
CA THR A 523 -29.84 3.49 -11.46
C THR A 523 -28.94 4.02 -10.35
N ALA A 524 -29.11 5.24 -9.84
CA ALA A 524 -28.28 5.82 -8.79
C ALA A 524 -28.44 5.21 -7.40
N LYS A 525 -28.77 3.95 -7.35
CA LYS A 525 -28.95 3.05 -6.24
C LYS A 525 -27.91 1.94 -6.34
N PRO A 526 -27.79 1.13 -5.30
CA PRO A 526 -26.82 0.06 -5.25
C PRO A 526 -26.97 -1.02 -6.30
N ILE A 527 -25.85 -1.48 -6.92
CA ILE A 527 -26.04 -2.61 -7.85
C ILE A 527 -26.09 -3.77 -6.85
N THR A 528 -27.01 -4.74 -6.99
CA THR A 528 -27.14 -5.69 -5.89
C THR A 528 -26.05 -6.72 -5.68
N GLY A 529 -25.77 -6.81 -4.36
CA GLY A 529 -24.72 -7.67 -3.85
C GLY A 529 -23.37 -7.17 -4.35
N LEU A 530 -23.20 -5.87 -4.62
CA LEU A 530 -21.90 -5.38 -5.08
C LEU A 530 -21.26 -4.52 -3.98
N TYR A 531 -20.17 -5.00 -3.39
CA TYR A 531 -19.55 -4.26 -2.28
C TYR A 531 -18.17 -3.77 -2.66
N ALA A 532 -17.66 -2.81 -1.90
CA ALA A 532 -16.35 -2.24 -2.16
C ALA A 532 -15.81 -1.55 -0.91
N ALA A 533 -14.48 -1.60 -0.82
CA ALA A 533 -13.78 -0.98 0.31
C ALA A 533 -12.33 -0.70 -0.07
N GLY A 534 -11.76 0.36 0.45
CA GLY A 534 -10.41 0.78 0.33
C GLY A 534 -10.00 1.85 -0.64
N GLU A 535 -8.76 1.79 -1.18
CA GLU A 535 -8.33 2.81 -2.15
C GLU A 535 -9.15 2.73 -3.43
N VAL A 536 -9.86 1.64 -3.71
CA VAL A 536 -10.63 1.57 -4.96
C VAL A 536 -11.89 2.46 -4.88
N THR A 537 -12.30 2.88 -3.68
CA THR A 537 -13.46 3.69 -3.50
C THR A 537 -13.07 5.19 -3.51
N GLY A 538 -14.12 5.97 -3.81
CA GLY A 538 -14.07 7.41 -3.80
C GLY A 538 -15.02 7.97 -2.76
N GLY A 539 -14.84 9.24 -2.40
CA GLY A 539 -15.65 9.84 -1.37
C GLY A 539 -14.89 10.02 -0.07
N VAL A 540 -14.33 8.97 0.51
CA VAL A 540 -13.70 9.07 1.80
C VAL A 540 -12.75 10.24 1.89
N HIS A 541 -11.80 10.38 0.98
CA HIS A 541 -10.81 11.46 1.12
C HIS A 541 -11.07 12.73 0.35
N GLY A 542 -12.29 12.99 -0.14
CA GLY A 542 -12.47 14.24 -0.88
C GLY A 542 -11.38 14.36 -1.95
N ALA A 543 -10.79 15.53 -2.09
CA ALA A 543 -9.77 15.80 -3.09
C ALA A 543 -8.36 15.74 -2.58
N ASN A 544 -8.17 15.52 -1.29
CA ASN A 544 -6.84 15.39 -0.70
C ASN A 544 -6.81 14.46 0.52
N ARG A 545 -6.09 13.32 0.44
CA ARG A 545 -6.09 12.43 1.61
C ARG A 545 -5.08 12.84 2.69
N LEU A 546 -5.56 12.83 3.92
CA LEU A 546 -4.77 13.11 5.11
C LEU A 546 -3.78 11.98 5.39
N GLY A 547 -2.61 12.32 5.92
CA GLY A 547 -1.63 11.26 6.28
C GLY A 547 -2.27 10.30 7.28
N GLY A 548 -2.30 9.00 6.99
CA GLY A 548 -2.78 8.01 7.94
C GLY A 548 -4.24 7.70 7.90
N ASN A 549 -4.93 8.18 6.89
CA ASN A 549 -6.37 7.98 6.73
C ASN A 549 -6.65 6.80 5.80
N ALA A 550 -5.71 6.43 4.93
CA ALA A 550 -5.82 5.23 4.09
C ALA A 550 -6.06 3.92 4.89
N ILE A 551 -5.12 3.61 5.82
CA ILE A 551 -5.20 2.39 6.63
C ILE A 551 -6.45 2.32 7.51
N SER A 552 -6.86 3.47 8.04
CA SER A 552 -8.05 3.57 8.87
C SER A 552 -9.27 3.37 7.96
N ASP A 553 -9.26 3.94 6.78
CA ASP A 553 -10.35 3.75 5.80
C ASP A 553 -10.46 2.26 5.49
N ILE A 554 -9.33 1.65 5.07
CA ILE A 554 -9.31 0.25 4.68
C ILE A 554 -9.73 -0.68 5.80
N VAL A 555 -9.30 -0.52 7.05
CA VAL A 555 -9.74 -1.52 8.05
C VAL A 555 -11.22 -1.32 8.38
N THR A 556 -11.63 -0.12 8.73
CA THR A 556 -13.05 0.16 9.02
C THR A 556 -13.96 -0.31 7.90
N TYR A 557 -13.67 0.19 6.69
CA TYR A 557 -14.50 -0.13 5.54
C TYR A 557 -14.40 -1.57 5.07
N GLY A 558 -13.32 -2.31 5.40
CA GLY A 558 -13.26 -3.73 4.98
C GLY A 558 -14.25 -4.52 5.85
N ARG A 559 -14.13 -4.24 7.15
CA ARG A 559 -15.01 -4.82 8.16
C ARG A 559 -16.44 -4.57 7.67
N ILE A 560 -16.82 -3.30 7.49
CA ILE A 560 -18.18 -3.09 6.98
C ILE A 560 -18.38 -3.83 5.66
N ALA A 561 -17.47 -3.77 4.67
CA ALA A 561 -17.78 -4.52 3.43
C ALA A 561 -17.89 -6.01 3.65
N GLY A 562 -17.16 -6.61 4.58
CA GLY A 562 -17.23 -8.07 4.76
C GLY A 562 -18.58 -8.45 5.37
N ALA A 563 -18.89 -7.78 6.46
CA ALA A 563 -20.15 -7.96 7.18
C ALA A 563 -21.37 -7.74 6.30
N SER A 564 -21.47 -6.62 5.57
CA SER A 564 -22.61 -6.39 4.68
C SER A 564 -22.85 -7.53 3.70
N ALA A 565 -21.76 -7.98 3.09
CA ALA A 565 -21.77 -9.06 2.12
C ALA A 565 -22.23 -10.35 2.77
N ALA A 566 -21.88 -10.62 4.01
CA ALA A 566 -22.29 -11.83 4.69
C ALA A 566 -23.78 -11.87 4.99
N LYS A 567 -24.34 -10.73 5.43
CA LYS A 567 -25.80 -10.65 5.64
C LYS A 567 -26.48 -10.90 4.30
N PHE A 568 -25.94 -10.38 3.21
CA PHE A 568 -26.40 -10.71 1.87
C PHE A 568 -26.02 -12.15 1.66
N ALA A 569 -26.76 -13.02 0.96
CA ALA A 569 -26.38 -14.45 0.95
C ALA A 569 -27.01 -15.04 2.20
N LYS A 570 -26.70 -14.69 3.44
CA LYS A 570 -27.49 -15.17 4.57
C LYS A 570 -28.97 -14.92 4.33
FE HEC B . 11.75 -3.48 0.29
CHA HEC B . 12.29 -1.26 2.79
CHB HEC B . 14.66 -5.08 1.02
CHC HEC B . 10.72 -6.15 -1.54
CHD HEC B . 9.43 -1.48 -1.14
NA HEC B . 13.21 -3.21 1.65
C1A HEC B . 13.29 -2.22 2.63
C2A HEC B . 14.51 -2.41 3.39
C3A HEC B . 15.15 -3.46 2.88
C4A HEC B . 14.34 -3.98 1.79
CMA HEC B . 16.50 -4.10 3.27
CAA HEC B . 15.00 -1.50 4.55
CBA HEC B . 14.12 -1.46 5.80
CGA HEC B . 13.92 -2.83 6.41
O1A HEC B . 14.94 -3.58 6.46
O2A HEC B . 12.74 -3.08 6.79
NB HEC B . 12.54 -5.27 -0.19
C1B HEC B . 13.76 -5.78 0.26
C2B HEC B . 13.90 -7.13 -0.21
C3B HEC B . 12.80 -7.44 -0.91
C4B HEC B . 11.93 -6.29 -0.93
CMB HEC B . 15.16 -8.00 0.11
CAB HEC B . 12.56 -8.83 -1.58
CBB HEC B . 12.06 -9.75 -0.68
NC HEC B . 10.33 -3.75 -1.10
C1C HEC B . 10.09 -4.92 -1.78
C2C HEC B . 9.09 -4.65 -2.79
C3C HEC B . 8.72 -3.38 -2.63
C4C HEC B . 9.48 -2.78 -1.60
CMC HEC B . 8.55 -5.71 -3.79
CAC HEC B . 7.68 -2.59 -3.51
CBC HEC B . 6.42 -3.07 -3.40
ND HEC B . 11.00 -1.70 0.74
C1D HEC B . 10.00 -1.04 0.04
C2D HEC B . 9.70 0.18 0.77
C3D HEC B . 10.49 0.23 1.83
C4D HEC B . 11.32 -0.94 1.85
CMD HEC B . 8.63 1.20 0.30
CAD HEC B . 10.57 1.31 2.94
CBD HEC B . 9.47 1.33 3.99
CGD HEC B . 9.63 2.50 4.95
O1D HEC B . 9.72 3.66 4.43
O2D HEC B . 9.67 2.17 6.16
FE HEC C . 15.70 -18.41 -3.50
CHA HEC C . 19.01 -18.41 -4.08
CHB HEC C . 15.70 -21.82 -3.32
CHC HEC C . 12.54 -18.32 -2.21
CHD HEC C . 15.37 -15.24 -4.67
NA HEC C . 17.11 -19.84 -3.67
C1A HEC C . 18.47 -19.66 -3.88
C2A HEC C . 19.12 -20.93 -3.87
C3A HEC C . 18.20 -21.87 -3.66
C4A HEC C . 16.92 -21.21 -3.53
CMA HEC C . 18.41 -23.41 -3.58
CAA HEC C . 20.67 -21.15 -4.05
CBA HEC C . 21.41 -20.69 -2.79
CGA HEC C . 21.24 -21.55 -1.58
O1A HEC C . 21.43 -21.03 -0.44
O2A HEC C . 20.96 -22.78 -1.71
NB HEC C . 14.35 -19.80 -2.94
C1B HEC C . 14.58 -21.16 -2.86
C2B HEC C . 13.46 -21.78 -2.18
C3B HEC C . 12.62 -20.81 -1.84
C4B HEC C . 13.14 -19.55 -2.33
CMB HEC C . 13.38 -23.28 -1.88
CAB HEC C . 11.26 -21.02 -1.09
CBB HEC C . 11.36 -21.09 0.27
NC HEC C . 14.24 -17.05 -3.47
C1C HEC C . 13.00 -17.20 -2.87
C2C HEC C . 12.28 -15.95 -3.00
C3C HEC C . 13.08 -15.09 -3.65
C4C HEC C . 14.29 -15.77 -3.99
CMC HEC C . 10.87 -15.73 -2.41
CAC HEC C . 12.72 -13.61 -4.06
CBC HEC C . 12.49 -12.74 -3.02
ND HEC C . 16.95 -17.07 -4.25
C1D HEC C . 16.65 -15.79 -4.66
C2D HEC C . 17.87 -15.14 -5.06
C3D HEC C . 18.88 -16.01 -4.90
C4D HEC C . 18.32 -17.25 -4.40
CMD HEC C . 17.91 -13.70 -5.58
CAD HEC C . 20.39 -15.88 -5.21
CBD HEC C . 21.16 -14.63 -4.91
CGD HEC C . 21.55 -14.38 -3.49
O1D HEC C . 22.42 -13.47 -3.35
O2D HEC C . 21.01 -15.07 -2.58
FE HEC D . 6.60 -27.09 -15.01
CHA HEC D . 4.33 -24.60 -14.81
CHB HEC D . 4.77 -28.61 -17.46
CHC HEC D . 9.13 -29.40 -15.53
CHD HEC D . 8.20 -25.95 -12.26
NA HEC D . 4.81 -26.73 -15.85
C1A HEC D . 4.14 -25.51 -15.83
C2A HEC D . 3.34 -25.38 -17.02
C3A HEC D . 3.48 -26.50 -17.73
C4A HEC D . 4.39 -27.36 -17.01
CMA HEC D . 2.87 -26.97 -19.07
CAA HEC D . 2.45 -24.17 -17.40
CBA HEC D . 2.98 -23.24 -18.51
CGA HEC D . 2.83 -21.77 -18.17
O1A HEC D . 1.68 -21.23 -18.36
O2A HEC D . 3.85 -21.17 -17.71
NB HEC D . 6.89 -28.67 -16.24
C1B HEC D . 6.01 -29.13 -17.20
C2B HEC D . 6.60 -30.25 -17.90
C3B HEC D . 7.82 -30.46 -17.37
C4B HEC D . 8.00 -29.50 -16.31
CMB HEC D . 5.90 -31.00 -19.06
CAB HEC D . 8.81 -31.59 -17.79
CBB HEC D . 9.79 -31.31 -18.68
NC HEC D . 8.34 -27.54 -14.11
C1C HEC D . 9.20 -28.57 -14.43
C2C HEC D . 10.21 -28.68 -13.39
C3C HEC D . 9.97 -27.73 -12.50
C4C HEC D . 8.79 -27.02 -12.91
CMC HEC D . 11.34 -29.74 -13.40
CAC HEC D . 10.76 -27.44 -11.19
CBC HEC D . 12.00 -26.90 -11.34
ND HEC D . 6.30 -25.58 -13.74
C1D HEC D . 7.14 -25.19 -12.71
C2D HEC D . 6.72 -23.91 -12.22
C3D HEC D . 5.64 -23.54 -12.91
C4D HEC D . 5.35 -24.57 -13.88
CMD HEC D . 7.42 -23.15 -11.07
CAD HEC D . 4.80 -22.24 -12.79
CBD HEC D . 5.07 -21.12 -13.78
CGD HEC D . 6.51 -20.86 -14.10
O1D HEC D . 6.85 -20.89 -15.31
O2D HEC D . 7.29 -20.62 -13.14
FE HEC E . 16.30 -27.16 -6.95
CHA HEC E . 19.50 -26.55 -7.86
CHB HEC E . 15.61 -23.85 -6.85
CHC HEC E . 13.00 -27.87 -6.69
CHD HEC E . 17.14 -30.33 -6.07
NA HEC E . 17.33 -25.51 -7.31
C1A HEC E . 18.67 -25.47 -7.63
C2A HEC E . 19.07 -24.07 -7.68
C3A HEC E . 18.02 -23.32 -7.37
C4A HEC E . 16.90 -24.22 -7.16
CMA HEC E . 17.91 -21.79 -7.29
CAA HEC E . 20.52 -23.72 -7.95
CBA HEC E . 21.22 -22.87 -8.94
CGA HEC E . 22.70 -22.86 -8.54
O1A HEC E . 23.00 -21.86 -7.83
O2A HEC E . 23.41 -23.82 -8.89
NB HEC E . 14.60 -26.06 -6.79
C1B HEC E . 14.53 -24.69 -6.83
C2B HEC E . 13.13 -24.30 -6.83
C3B HEC E . 12.40 -25.41 -6.80
C4B HEC E . 13.30 -26.53 -6.74
CMB HEC E . 12.66 -22.83 -6.87
CAB HEC E . 10.85 -25.48 -6.79
CBB HEC E . 10.29 -25.35 -8.04
NC HEC E . 15.27 -28.80 -6.50
C1C HEC E . 13.91 -28.89 -6.41
C2C HEC E . 13.58 -30.21 -5.95
C3C HEC E . 14.72 -30.89 -5.78
C4C HEC E . 15.80 -30.01 -6.11
CMC HEC E . 12.12 -30.68 -5.72
CAC HEC E . 14.84 -32.34 -5.26
CBC HEC E . 14.46 -33.42 -6.01
ND HEC E . 18.01 -28.26 -6.96
C1D HEC E . 18.17 -29.56 -6.55
C2D HEC E . 19.56 -29.94 -6.69
C3D HEC E . 20.25 -28.91 -7.18
C4D HEC E . 19.28 -27.83 -7.36
CMD HEC E . 20.07 -31.36 -6.31
CAD HEC E . 21.70 -28.83 -7.57
CBD HEC E . 22.95 -28.29 -6.96
CGD HEC E . 24.14 -28.28 -7.91
O1D HEC E . 25.15 -27.60 -7.56
O2D HEC E . 24.03 -28.92 -8.99
PA FAD F . -3.86 -2.58 -1.56
O1A FAD F . -3.23 -2.20 -2.83
O2A FAD F . -3.06 -2.77 -0.36
O5B FAD F . -4.25 -4.06 -1.81
C5B FAD F . -4.62 -4.46 -3.19
C4B FAD F . -5.13 -5.89 -4.03
O4B FAD F . -5.88 -6.10 -5.21
C3B FAD F . -3.73 -5.56 -4.58
O3B FAD F . -2.73 -6.27 -3.85
C2B FAD F . -3.82 -5.93 -6.05
O2B FAD F . -2.68 -6.48 -6.64
C1B FAD F . -4.97 -6.90 -5.99
N9A FAD F . -5.68 -6.72 -7.26
C8A FAD F . -5.84 -5.60 -8.00
N7A FAD F . -6.62 -5.82 -9.04
C5A FAD F . -6.96 -7.18 -8.99
C6A FAD F . -7.77 -8.05 -9.76
N6A FAD F . -8.36 -7.57 -10.87
N1A FAD F . -7.87 -9.31 -9.33
C2A FAD F . -7.25 -9.71 -8.23
N3A FAD F . -6.50 -9.02 -7.36
C4A FAD F . -6.40 -7.74 -7.82
N1 FAD F . -1.83 5.15 4.41
C2 FAD F . -1.90 5.35 5.75
O2 FAD F . -3.02 5.53 6.20
N3 FAD F . -0.75 5.28 6.56
C4 FAD F . 0.49 5.03 6.00
O4 FAD F . 1.56 4.95 6.65
C4X FAD F . 0.52 4.84 4.52
N5 FAD F . 1.68 4.61 3.92
C5X FAD F . 1.75 4.39 2.61
C6 FAD F . 3.04 4.14 2.11
C7 FAD F . 3.21 3.68 0.77
C7M FAD F . 4.54 3.37 0.10
C8 FAD F . 1.98 3.47 0.02
C8M FAD F . 2.04 2.98 -1.41
C9 FAD F . 0.69 3.71 0.56
C9A FAD F . 0.55 4.19 1.88
N10 FAD F . -0.63 4.69 2.44
C10 FAD F . -0.69 4.88 3.81
C1' FAD F . -1.95 4.59 1.84
C2' FAD F . -2.51 2.93 2.20
O2' FAD F . -1.37 2.18 1.79
C3' FAD F . -3.60 2.53 1.16
O3' FAD F . -3.40 3.37 -0.01
C4' FAD F . -3.42 1.04 0.81
O4' FAD F . -3.53 0.48 2.08
C5' FAD F . -4.54 0.55 -0.01
O5' FAD F . -5.34 -0.51 0.57
P FAD F . -6.24 -1.42 -0.27
O1P FAD F . -7.30 -0.65 -0.82
O2P FAD F . -6.75 -2.55 0.53
O3P FAD F . -5.26 -1.89 -1.36
C1 SIN G . 0.15 8.09 3.97
O1 SIN G . -0.83 7.86 4.78
O2 SIN G . 0.17 7.87 2.70
C2 SIN G . 1.41 8.62 4.62
C3 SIN G . 2.72 7.87 4.51
C4 SIN G . 4.09 8.33 5.07
O3 SIN G . 4.66 9.31 4.43
O4 SIN G . 4.55 7.75 6.11
#